data_9LRB
#
_entry.id   9LRB
#
_cell.length_a   1.00
_cell.length_b   1.00
_cell.length_c   1.00
_cell.angle_alpha   90.00
_cell.angle_beta   90.00
_cell.angle_gamma   90.00
#
_symmetry.space_group_name_H-M   'P 1'
#
loop_
_entity.id
_entity.type
_entity.pdbx_description
1 polymer 'Guanine nucleotide-binding protein G(s) subunit alpha isoforms short'
2 polymer 'Guanine nucleotide-binding protein G(I)/G(S)/G(T) subunit beta-1'
3 polymer 'Guanine nucleotide-binding protein G(I)/G(S)/G(O) subunit gamma-2'
4 polymer 'nanobody 35'
5 polymer 'Histamine H1 receptor,Genome polyprotein'
6 non-polymer HISTAMINE
#
loop_
_entity_poly.entity_id
_entity_poly.type
_entity_poly.pdbx_seq_one_letter_code
_entity_poly.pdbx_strand_id
1 'polypeptide(L)'
;GNSKTEDQRNEEKAQREANKKIEKQLQKDKQVYRATHRLLLLGADNSGKSTIVKQMRILHGGSGGSGGTSGIFETKFQVD
KVNFHMFDVGGQRDERRKWIQCFNDVTAIIFVVDSSDYNRLQEALNLFKSIWNNRWLRTISVILFLNKQDLLAEKVLAGK
SKIEDYFPEFARYTTPEDATPEPGEDPRVTRAKYFIRDEFLRISTASGDGRHYCYPHFTCAVDTENARRIFNDCRDIIQR
MHLRQYELL
;
A
2 'polypeptide(L)'
;MHHHHHHGSLLQSELDQLRQEAEQLKNQIRDARKACADATLSQITNNIDPVGRIQMRTRRTLRGHLAKIYAMHWGTDSRL
LVSASQDGKLIIWDSYTTNKVHAIPLRSSWVMTCAYAPSGNYVACGGLDNICSIYNLKTREGNVRVSRELAGHTGYLSCC
RFLDDNQIVTSSGDTTCALWDIETGQQTTTFTGHTGDVMSLSLAPDTRLFVSGACDASAKLWDVREGMCRQTFTGHESDI
NAICFFPNGNAFATGSDDATCRLFDLRADQELMTYSHDNIICGITSVSFSKSGRLLLAGYDDFNCNVWDALKADRAGVLA
GHDNRVSCLGVTDDGMAVATGSWDSFLKIWN
;
B
3 'polypeptide(L)' MASNNTASIAQARKLVEQLKMEANIDRIKVSKAAADLMAYCEAHAKEDPLLTPVPASENPFREKKFFS G
4 'polypeptide(L)'
;MGQVQLQESGGGLVQPGGSLRLSCAASGFTFSNYKMNWVRQAPGKGLEWVSDISQSGASISYTGSVKGRFTISRDNAKNT
LYLQMNSLKPEDTAVYYCARCPAPFTRDCFDVTSTTYAYRGQGTQVTVSSLHHHHHH
;
N
5 'polypeptide(L)'
;MKTIIALSYIFCLVFADYKDDDDKEFMSLPNSSCLLEDKMCEGNKTTMASPQLMPLVVVLSTICLVTVGLNLLVLYAVRS
ERKLHTVGNLYIVSLSVADLIVGAVVMPMNILYLLMSKWSLGRPLCLFWLSMDYVASTASIFSVFILCIDRYRSVQQPLR
YLKYRTKTRASATILGAWFLSFLWVIPILGWNHFMQQTSVRREDKCETDFYDVTWFKVMTAIINFYLPTLLMLWFYAKIY
KAVRQHCQHRELINRSLPSFSEIKLRPENPKGDAKKPGKESPWEVLKRKPKDAGGGSVLKSPSQTPKEMKSPVVFSQEDD
REVDKLYCFPLDIVHMQAAAEGSSRDYVAVNRSHGQLKTDEQGLNTHGASEISEDQMLGDSQSFSRTDSDTTTETAPGKG
KLRSGSNTGLDYIKFTWKRLRSHSRQYVSGLHMNRERKAAKQLGFIMAAFILCWIPYFIFFMVIAFCKNCCNEHLHMFTI
WLGYINSTLNPLIYPLCNENFKKTFKRILHIRSGGSGGGGSGGSSSGGGSSGGSGGGSGGSGGLEVLFQGPVSKGEELFT
GVVPILVELDGDVNGHKFSVSGEGEGDATYGKLTLKFICTTGKLPVPWPTLVTTLTYGVQCFSRYPDHMKQHDFFKSAMP
EGYVQERTIFFKDDGNYKTRAEVKFEGDTLVNRIELKGIDFKEDGNILGHKLEYNYNSHNVYIMADKQKNGIKVNFKIRH
NIEDGSVQLADHYQQNTPIGDGPVLLPDNHYLSTQSKLSKDPNEKRDHMVLLEFVTAAGITLGMDELYKSGLRSHHHHHH
HH
;
R
#
loop_
_chem_comp.id
_chem_comp.type
_chem_comp.name
_chem_comp.formula
HSM non-polymer HISTAMINE 'C5 H9 N3'
#
# COMPACT_ATOMS: atom_id res chain seq x y z
N THR A 5 -28.73 0.91 34.12
CA THR A 5 -29.29 -0.42 34.49
C THR A 5 -28.14 -1.41 34.72
N GLU A 6 -28.32 -2.26 35.73
CA GLU A 6 -27.26 -3.22 36.07
C GLU A 6 -26.95 -4.15 34.90
N ASP A 7 -28.00 -4.63 34.22
CA ASP A 7 -27.78 -5.49 33.07
C ASP A 7 -27.00 -4.77 31.99
N GLN A 8 -27.34 -3.50 31.73
CA GLN A 8 -26.61 -2.74 30.71
C GLN A 8 -25.15 -2.57 31.10
N ARG A 9 -24.88 -2.27 32.37
CA ARG A 9 -23.50 -2.14 32.82
C ARG A 9 -22.74 -3.45 32.68
N ASN A 10 -23.39 -4.57 33.05
CA ASN A 10 -22.75 -5.87 32.86
C ASN A 10 -22.54 -6.17 31.38
N GLU A 11 -23.49 -5.80 30.53
CA GLU A 11 -23.36 -6.06 29.10
C GLU A 11 -22.15 -5.36 28.53
N GLU A 12 -21.93 -4.09 28.91
CA GLU A 12 -20.80 -3.35 28.38
C GLU A 12 -19.48 -3.84 28.99
N LYS A 13 -19.53 -4.36 30.21
CA LYS A 13 -18.33 -4.93 30.81
C LYS A 13 -17.83 -6.11 29.99
N ALA A 14 -18.75 -6.96 29.54
CA ALA A 14 -18.36 -8.10 28.71
C ALA A 14 -17.76 -7.63 27.39
N GLN A 15 -18.33 -6.60 26.79
CA GLN A 15 -17.80 -6.09 25.53
C GLN A 15 -16.38 -5.56 25.69
N ARG A 16 -16.11 -4.86 26.80
CA ARG A 16 -14.77 -4.34 27.04
C ARG A 16 -13.81 -5.47 27.40
N GLU A 17 -14.30 -6.48 28.13
CA GLU A 17 -13.48 -7.65 28.41
C GLU A 17 -13.15 -8.40 27.11
N ALA A 18 -14.13 -8.54 26.23
CA ALA A 18 -13.90 -9.23 24.96
C ALA A 18 -12.88 -8.47 24.10
N ASN A 19 -13.02 -7.15 24.04
CA ASN A 19 -12.07 -6.35 23.26
C ASN A 19 -10.66 -6.49 23.80
N LYS A 20 -10.52 -6.52 25.13
CA LYS A 20 -9.20 -6.67 25.74
C LYS A 20 -8.57 -8.00 25.34
N LYS A 21 -9.36 -9.08 25.35
CA LYS A 21 -8.82 -10.38 24.99
C LYS A 21 -8.35 -10.41 23.54
N ILE A 22 -9.11 -9.80 22.64
CA ILE A 22 -8.71 -9.74 21.24
C ILE A 22 -7.43 -8.93 21.09
N GLU A 23 -7.35 -7.78 21.77
CA GLU A 23 -6.20 -6.91 21.61
C GLU A 23 -4.92 -7.57 22.12
N LYS A 24 -5.04 -8.46 23.11
CA LYS A 24 -3.87 -9.20 23.57
C LYS A 24 -3.33 -10.11 22.47
N GLN A 25 -4.24 -10.77 21.73
CA GLN A 25 -3.79 -11.64 20.65
C GLN A 25 -3.27 -10.84 19.47
N LEU A 26 -3.88 -9.69 19.18
CA LEU A 26 -3.44 -8.87 18.06
C LEU A 26 -2.02 -8.37 18.26
N GLN A 27 -1.62 -8.15 19.52
CA GLN A 27 -0.26 -7.71 19.79
C GLN A 27 0.73 -8.85 19.54
N LYS A 28 0.36 -10.07 19.91
CA LYS A 28 1.20 -11.23 19.59
C LYS A 28 1.34 -11.41 18.09
N ASP A 29 0.23 -11.24 17.35
CA ASP A 29 0.27 -11.39 15.91
C ASP A 29 1.14 -10.33 15.26
N LYS A 30 1.07 -9.09 15.75
CA LYS A 30 1.85 -8.01 15.15
C LYS A 30 3.34 -8.29 15.24
N GLN A 31 3.80 -8.83 16.37
CA GLN A 31 5.22 -9.13 16.52
C GLN A 31 5.68 -10.14 15.47
N VAL A 32 4.90 -11.20 15.28
CA VAL A 32 5.25 -12.22 14.30
C VAL A 32 5.16 -11.65 12.89
N TYR A 33 4.17 -10.77 12.66
CA TYR A 33 3.94 -10.26 11.31
C TYR A 33 5.12 -9.42 10.82
N ARG A 34 5.65 -8.55 11.68
CA ARG A 34 6.72 -7.66 11.27
C ARG A 34 8.09 -8.29 11.35
N ALA A 35 8.23 -9.46 11.98
CA ALA A 35 9.48 -10.20 12.00
C ALA A 35 9.57 -11.19 10.85
N THR A 36 8.52 -11.32 10.04
CA THR A 36 8.51 -12.18 8.88
C THR A 36 8.52 -11.33 7.62
N HIS A 37 9.18 -11.84 6.59
CA HIS A 37 9.34 -11.14 5.33
C HIS A 37 8.65 -11.92 4.22
N ARG A 38 7.70 -11.28 3.56
CA ARG A 38 6.89 -11.91 2.53
C ARG A 38 7.46 -11.57 1.15
N LEU A 39 7.62 -12.59 0.32
CA LEU A 39 8.27 -12.46 -0.97
C LEU A 39 7.32 -12.96 -2.06
N LEU A 40 7.23 -12.21 -3.15
CA LEU A 40 6.45 -12.61 -4.32
C LEU A 40 7.40 -13.23 -5.34
N LEU A 41 7.26 -14.53 -5.58
CA LEU A 41 8.05 -15.24 -6.58
C LEU A 41 7.22 -15.36 -7.84
N LEU A 42 7.64 -14.65 -8.89
CA LEU A 42 6.97 -14.72 -10.19
C LEU A 42 8.01 -14.91 -11.28
N GLY A 43 7.66 -15.72 -12.28
CA GLY A 43 8.55 -16.01 -13.38
C GLY A 43 7.78 -16.29 -14.66
N ALA A 44 8.16 -17.35 -15.36
CA ALA A 44 7.49 -17.73 -16.59
C ALA A 44 7.53 -19.25 -16.71
N ASP A 45 7.14 -19.77 -17.87
CA ASP A 45 7.09 -21.22 -18.05
C ASP A 45 8.47 -21.86 -17.93
N ASN A 46 9.45 -21.30 -18.63
CA ASN A 46 10.79 -21.86 -18.68
C ASN A 46 11.75 -21.22 -17.67
N SER A 47 11.25 -20.29 -16.84
CA SER A 47 12.14 -19.56 -15.94
C SER A 47 12.89 -20.49 -15.02
N GLY A 48 12.29 -21.63 -14.67
CA GLY A 48 12.88 -22.51 -13.68
C GLY A 48 12.70 -22.04 -12.27
N LYS A 49 11.72 -21.17 -12.02
CA LYS A 49 11.49 -20.64 -10.68
C LYS A 49 11.13 -21.73 -9.68
N SER A 50 10.71 -22.91 -10.15
CA SER A 50 10.41 -24.01 -9.24
C SER A 50 11.67 -24.58 -8.62
N THR A 51 12.78 -24.63 -9.38
CA THR A 51 14.02 -25.16 -8.85
C THR A 51 14.63 -24.24 -7.79
N ILE A 52 14.42 -22.94 -7.91
CA ILE A 52 14.91 -22.02 -6.87
C ILE A 52 14.26 -22.36 -5.54
N VAL A 53 13.06 -22.92 -5.55
CA VAL A 53 12.40 -23.37 -4.33
C VAL A 53 13.11 -24.63 -3.84
N LYS A 54 13.89 -24.48 -2.77
CA LYS A 54 14.68 -25.56 -2.19
C LYS A 54 14.21 -25.91 -0.77
N GLN A 55 12.92 -25.80 -0.54
CA GLN A 55 12.34 -26.15 0.75
C GLN A 55 12.72 -27.57 1.16
N SER A 70 -3.68 -24.35 -4.77
CA SER A 70 -4.73 -23.97 -5.72
C SER A 70 -4.47 -22.58 -6.29
N GLY A 71 -5.11 -21.57 -5.70
CA GLY A 71 -4.95 -20.21 -6.22
C GLY A 71 -3.55 -19.65 -6.02
N ILE A 72 -2.91 -19.98 -4.91
CA ILE A 72 -1.60 -19.44 -4.56
C ILE A 72 -0.82 -20.49 -3.78
N PHE A 73 0.48 -20.59 -4.04
CA PHE A 73 1.36 -21.55 -3.40
C PHE A 73 2.28 -20.84 -2.42
N GLU A 74 2.54 -21.46 -1.29
CA GLU A 74 3.32 -20.88 -0.21
C GLU A 74 4.53 -21.76 0.11
N THR A 75 5.63 -21.10 0.47
CA THR A 75 6.85 -21.78 0.87
C THR A 75 7.55 -20.97 1.95
N LYS A 76 7.98 -21.65 3.01
CA LYS A 76 8.66 -21.02 4.13
C LYS A 76 10.08 -21.58 4.25
N PHE A 77 11.05 -20.69 4.32
CA PHE A 77 12.43 -21.06 4.59
C PHE A 77 13.01 -20.11 5.62
N GLN A 78 14.01 -20.60 6.35
CA GLN A 78 14.60 -19.88 7.46
C GLN A 78 16.10 -19.76 7.25
N VAL A 79 16.61 -18.53 7.30
CA VAL A 79 18.03 -18.25 7.11
C VAL A 79 18.51 -17.40 8.29
N ASP A 80 19.47 -17.93 9.05
CA ASP A 80 19.98 -17.25 10.24
C ASP A 80 18.85 -16.95 11.22
N LYS A 81 17.94 -17.91 11.36
CA LYS A 81 16.80 -17.85 12.27
C LYS A 81 15.76 -16.80 11.87
N VAL A 82 15.94 -16.14 10.73
CA VAL A 82 14.96 -15.20 10.20
C VAL A 82 14.01 -15.97 9.28
N ASN A 83 12.74 -15.63 9.31
CA ASN A 83 11.70 -16.37 8.60
C ASN A 83 11.33 -15.63 7.33
N PHE A 84 11.26 -16.37 6.22
CA PHE A 84 10.89 -15.83 4.92
C PHE A 84 9.68 -16.59 4.38
N HIS A 85 8.76 -15.87 3.76
CA HIS A 85 7.53 -16.43 3.22
C HIS A 85 7.44 -16.09 1.73
N MET A 86 7.63 -17.11 0.88
CA MET A 86 7.57 -16.93 -0.56
C MET A 86 6.22 -17.39 -1.09
N PHE A 87 5.67 -16.62 -2.02
CA PHE A 87 4.34 -16.89 -2.58
C PHE A 87 4.44 -16.99 -4.09
N ASP A 88 3.98 -18.12 -4.63
CA ASP A 88 3.90 -18.34 -6.07
C ASP A 88 2.44 -18.46 -6.45
N VAL A 89 1.95 -17.50 -7.24
CA VAL A 89 0.54 -17.45 -7.64
C VAL A 89 0.42 -18.22 -8.95
N GLY A 90 -0.07 -19.45 -8.87
CA GLY A 90 -0.14 -20.32 -10.03
C GLY A 90 -1.55 -20.73 -10.42
N GLY A 91 -2.55 -20.27 -9.68
CA GLY A 91 -3.92 -20.64 -9.91
C GLY A 91 -4.77 -19.59 -10.60
N GLN A 92 -4.17 -18.55 -11.16
CA GLN A 92 -4.89 -17.50 -11.85
C GLN A 92 -4.69 -17.61 -13.36
N ARG A 93 -5.27 -16.66 -14.09
CA ARG A 93 -5.13 -16.63 -15.54
C ARG A 93 -3.96 -15.73 -15.92
N ASP A 94 -3.84 -15.44 -17.22
CA ASP A 94 -2.69 -14.69 -17.72
C ASP A 94 -2.78 -13.21 -17.38
N GLU A 95 -3.99 -12.69 -17.15
CA GLU A 95 -4.13 -11.28 -16.78
C GLU A 95 -3.88 -11.11 -15.29
N ARG A 96 -2.98 -10.19 -14.94
CA ARG A 96 -2.51 -10.05 -13.56
C ARG A 96 -2.55 -8.60 -13.09
N ARG A 97 -3.24 -7.72 -13.82
CA ARG A 97 -3.27 -6.31 -13.47
C ARG A 97 -4.13 -6.02 -12.25
N LYS A 98 -4.90 -6.99 -11.74
CA LYS A 98 -5.75 -6.79 -10.58
C LYS A 98 -5.26 -7.53 -9.35
N TRP A 99 -4.91 -8.80 -9.45
CA TRP A 99 -4.48 -9.55 -8.28
C TRP A 99 -3.04 -9.26 -7.88
N ILE A 100 -2.29 -8.51 -8.69
CA ILE A 100 -0.93 -8.15 -8.31
C ILE A 100 -0.89 -6.94 -7.38
N GLN A 101 -1.99 -6.20 -7.24
CA GLN A 101 -2.02 -5.09 -6.31
C GLN A 101 -2.02 -5.57 -4.86
N CYS A 102 -2.22 -6.87 -4.64
CA CYS A 102 -2.21 -7.44 -3.30
C CYS A 102 -0.81 -7.52 -2.69
N PHE A 103 0.23 -7.21 -3.46
CA PHE A 103 1.61 -7.37 -3.03
C PHE A 103 2.34 -6.03 -3.05
N ASN A 104 1.69 -4.99 -2.52
CA ASN A 104 2.31 -3.68 -2.39
C ASN A 104 3.08 -3.51 -1.10
N ASP A 105 3.07 -4.52 -0.22
CA ASP A 105 3.77 -4.46 1.05
C ASP A 105 4.84 -5.53 1.21
N VAL A 106 5.05 -6.38 0.20
CA VAL A 106 6.04 -7.43 0.30
C VAL A 106 7.42 -6.81 0.45
N THR A 107 8.32 -7.54 1.11
CA THR A 107 9.70 -7.06 1.27
C THR A 107 10.39 -6.95 -0.08
N ALA A 108 10.25 -7.99 -0.91
CA ALA A 108 10.91 -8.03 -2.22
C ALA A 108 10.08 -8.87 -3.18
N ILE A 109 10.35 -8.67 -4.47
CA ILE A 109 9.79 -9.49 -5.54
C ILE A 109 10.94 -10.28 -6.13
N ILE A 110 10.82 -11.60 -6.12
CA ILE A 110 11.84 -12.49 -6.66
C ILE A 110 11.47 -12.78 -8.12
N PHE A 111 12.21 -12.17 -9.04
CA PHE A 111 11.96 -12.33 -10.48
C PHE A 111 12.96 -13.33 -11.02
N VAL A 112 12.46 -14.43 -11.58
CA VAL A 112 13.30 -15.49 -12.14
C VAL A 112 13.09 -15.50 -13.64
N VAL A 113 14.18 -15.35 -14.40
CA VAL A 113 14.16 -15.36 -15.85
C VAL A 113 15.18 -16.37 -16.35
N ASP A 114 14.78 -17.19 -17.31
CA ASP A 114 15.71 -18.10 -17.98
C ASP A 114 16.56 -17.30 -18.96
N SER A 115 17.87 -17.27 -18.70
CA SER A 115 18.79 -16.45 -19.47
C SER A 115 19.28 -17.15 -20.74
N SER A 116 18.85 -18.39 -20.97
CA SER A 116 19.28 -19.15 -22.14
C SER A 116 18.32 -19.05 -23.32
N ASP A 117 17.13 -18.49 -23.13
CA ASP A 117 16.10 -18.44 -24.16
C ASP A 117 15.99 -16.99 -24.65
N TYR A 118 16.72 -16.67 -25.72
CA TYR A 118 16.68 -15.32 -26.27
C TYR A 118 15.32 -15.01 -26.87
N ASN A 119 14.57 -16.03 -27.29
CA ASN A 119 13.27 -15.80 -27.89
C ASN A 119 12.27 -15.25 -26.88
N ARG A 120 12.32 -15.75 -25.64
CA ARG A 120 11.37 -15.36 -24.60
C ARG A 120 11.97 -14.36 -23.62
N LEU A 121 13.10 -13.74 -23.98
CA LEU A 121 13.80 -12.83 -23.11
C LEU A 121 13.28 -11.40 -23.16
N GLN A 122 12.75 -10.97 -24.32
CA GLN A 122 12.13 -9.65 -24.39
C GLN A 122 10.82 -9.61 -23.63
N GLU A 123 10.12 -10.74 -23.55
CA GLU A 123 8.89 -10.82 -22.77
C GLU A 123 9.18 -10.57 -21.29
N ALA A 124 10.27 -11.14 -20.78
CA ALA A 124 10.64 -10.93 -19.38
C ALA A 124 10.96 -9.46 -19.12
N LEU A 125 11.60 -8.80 -20.09
CA LEU A 125 11.88 -7.38 -19.94
C LEU A 125 10.60 -6.56 -19.87
N ASN A 126 9.61 -6.90 -20.69
CA ASN A 126 8.34 -6.18 -20.65
C ASN A 126 7.64 -6.37 -19.31
N LEU A 127 7.61 -7.60 -18.79
CA LEU A 127 6.98 -7.84 -17.50
C LEU A 127 7.73 -7.14 -16.38
N PHE A 128 9.07 -7.16 -16.43
CA PHE A 128 9.85 -6.45 -15.43
C PHE A 128 9.57 -4.95 -15.48
N LYS A 129 9.46 -4.39 -16.68
CA LYS A 129 9.20 -2.96 -16.80
C LYS A 129 7.84 -2.60 -16.21
N SER A 130 6.82 -3.44 -16.43
CA SER A 130 5.51 -3.18 -15.87
C SER A 130 5.53 -3.23 -14.34
N ILE A 131 6.24 -4.22 -13.77
CA ILE A 131 6.30 -4.33 -12.32
C ILE A 131 7.05 -3.14 -11.73
N TRP A 132 8.11 -2.69 -12.38
CA TRP A 132 8.88 -1.56 -11.87
C TRP A 132 8.05 -0.28 -11.87
N ASN A 133 7.42 0.03 -12.99
CA ASN A 133 6.66 1.28 -13.15
C ASN A 133 5.19 1.09 -12.84
N ASN A 134 4.87 0.55 -11.68
CA ASN A 134 3.49 0.34 -11.25
C ASN A 134 3.18 1.23 -10.06
N ARG A 135 2.05 1.93 -10.13
CA ARG A 135 1.69 2.89 -9.07
C ARG A 135 1.65 2.21 -7.70
N TRP A 136 1.29 0.94 -7.65
CA TRP A 136 1.16 0.24 -6.38
C TRP A 136 2.33 -0.68 -6.08
N LEU A 137 3.28 -0.81 -7.00
CA LEU A 137 4.54 -1.52 -6.76
C LEU A 137 5.74 -0.60 -6.95
N ARG A 138 5.52 0.71 -6.90
CA ARG A 138 6.59 1.68 -7.21
C ARG A 138 7.63 1.76 -6.09
N THR A 139 7.43 1.05 -4.99
CA THR A 139 8.35 1.11 -3.85
C THR A 139 9.05 -0.21 -3.57
N ILE A 140 8.60 -1.31 -4.17
CA ILE A 140 9.17 -2.61 -3.88
C ILE A 140 10.43 -2.81 -4.71
N SER A 141 11.42 -3.49 -4.13
CA SER A 141 12.65 -3.83 -4.80
C SER A 141 12.61 -5.29 -5.27
N VAL A 142 13.37 -5.57 -6.33
CA VAL A 142 13.31 -6.85 -7.02
C VAL A 142 14.66 -7.56 -6.89
N ILE A 143 14.62 -8.81 -6.44
CA ILE A 143 15.79 -9.67 -6.43
C ILE A 143 15.73 -10.54 -7.68
N LEU A 144 16.55 -10.21 -8.67
CA LEU A 144 16.51 -10.85 -9.98
C LEU A 144 17.44 -12.05 -9.99
N PHE A 145 16.93 -13.19 -10.45
CA PHE A 145 17.71 -14.42 -10.60
C PHE A 145 17.73 -14.81 -12.07
N LEU A 146 18.93 -14.87 -12.65
CA LEU A 146 19.13 -15.37 -14.01
C LEU A 146 19.50 -16.84 -13.89
N ASN A 147 18.52 -17.72 -14.06
CA ASN A 147 18.51 -19.03 -13.42
C ASN A 147 19.27 -20.10 -14.19
N LYS A 148 19.46 -19.97 -15.50
CA LYS A 148 20.09 -21.03 -16.30
C LYS A 148 21.34 -20.47 -16.98
N GLN A 149 22.47 -20.58 -16.29
CA GLN A 149 23.76 -20.15 -16.83
C GLN A 149 24.57 -21.30 -17.39
N ASP A 150 24.34 -22.53 -16.91
CA ASP A 150 25.00 -23.69 -17.49
C ASP A 150 24.50 -23.94 -18.91
N LEU A 151 23.21 -23.70 -19.16
CA LEU A 151 22.68 -23.82 -20.50
C LEU A 151 23.07 -22.63 -21.37
N LEU A 152 23.15 -21.43 -20.78
CA LEU A 152 23.58 -20.25 -21.54
C LEU A 152 25.02 -20.42 -22.02
N ALA A 153 25.89 -20.94 -21.16
CA ALA A 153 27.27 -21.17 -21.57
C ALA A 153 27.34 -22.19 -22.70
N GLU A 154 26.56 -23.26 -22.60
CA GLU A 154 26.54 -24.26 -23.67
C GLU A 154 26.02 -23.65 -24.97
N LYS A 155 24.99 -22.80 -24.88
CA LYS A 155 24.43 -22.19 -26.07
C LYS A 155 25.43 -21.28 -26.76
N VAL A 156 26.18 -20.50 -25.97
CA VAL A 156 27.16 -19.58 -26.55
C VAL A 156 28.32 -20.36 -27.16
N LEU A 157 28.81 -21.39 -26.46
CA LEU A 157 29.95 -22.15 -26.95
C LEU A 157 29.62 -22.84 -28.27
N ALA A 158 28.40 -23.36 -28.40
CA ALA A 158 28.02 -24.00 -29.65
C ALA A 158 28.08 -23.02 -30.81
N GLY A 159 27.58 -21.80 -30.61
CA GLY A 159 27.65 -20.76 -31.60
C GLY A 159 26.59 -20.81 -32.68
N LYS A 160 25.69 -21.79 -32.63
CA LYS A 160 24.65 -21.87 -33.66
C LYS A 160 23.66 -20.73 -33.54
N SER A 161 23.30 -20.34 -32.31
CA SER A 161 22.36 -19.27 -32.07
C SER A 161 23.10 -18.01 -31.63
N LYS A 162 22.74 -16.88 -32.23
CA LYS A 162 23.40 -15.61 -31.99
C LYS A 162 22.45 -14.66 -31.27
N ILE A 163 22.94 -14.05 -30.18
CA ILE A 163 22.14 -13.06 -29.45
C ILE A 163 21.82 -11.85 -30.30
N GLU A 164 22.67 -11.51 -31.27
CA GLU A 164 22.46 -10.34 -32.11
C GLU A 164 21.21 -10.43 -32.97
N ASP A 165 20.74 -11.65 -33.26
CA ASP A 165 19.52 -11.79 -34.05
C ASP A 165 18.32 -11.22 -33.31
N TYR A 166 18.27 -11.37 -31.99
CA TYR A 166 17.17 -10.90 -31.18
C TYR A 166 17.45 -9.57 -30.49
N PHE A 167 18.70 -9.29 -30.16
CA PHE A 167 19.10 -8.04 -29.52
C PHE A 167 20.18 -7.38 -30.37
N PRO A 168 19.80 -6.50 -31.30
CA PRO A 168 20.78 -6.00 -32.28
C PRO A 168 21.96 -5.25 -31.67
N GLU A 169 21.83 -4.72 -30.46
CA GLU A 169 22.87 -3.91 -29.85
C GLU A 169 23.92 -4.75 -29.12
N PHE A 170 23.80 -6.07 -29.16
CA PHE A 170 24.80 -6.92 -28.50
C PHE A 170 26.14 -6.85 -29.22
N ALA A 171 26.13 -6.74 -30.55
CA ALA A 171 27.38 -6.71 -31.30
C ALA A 171 28.27 -5.56 -30.85
N ARG A 172 27.69 -4.49 -30.30
CA ARG A 172 28.43 -3.33 -29.86
C ARG A 172 28.61 -3.29 -28.34
N TYR A 173 28.41 -4.42 -27.66
CA TYR A 173 28.52 -4.50 -26.22
C TYR A 173 29.85 -5.12 -25.81
N THR A 174 30.44 -4.56 -24.76
CA THR A 174 31.70 -5.04 -24.22
C THR A 174 31.53 -5.34 -22.74
N THR A 175 32.22 -6.38 -22.26
CA THR A 175 32.07 -6.81 -20.89
C THR A 175 32.40 -5.66 -19.94
N PRO A 176 31.62 -5.46 -18.87
CA PRO A 176 31.93 -4.38 -17.94
C PRO A 176 33.31 -4.55 -17.32
N GLU A 177 33.97 -3.43 -17.05
CA GLU A 177 35.26 -3.48 -16.37
C GLU A 177 35.13 -4.10 -14.99
N ASP A 178 34.03 -3.82 -14.29
CA ASP A 178 33.78 -4.40 -12.98
C ASP A 178 33.30 -5.85 -13.06
N ALA A 179 33.29 -6.45 -14.24
CA ALA A 179 32.87 -7.84 -14.36
C ALA A 179 33.85 -8.75 -13.61
N THR A 180 33.31 -9.78 -12.98
CA THR A 180 34.08 -10.74 -12.19
C THR A 180 33.78 -12.14 -12.70
N PRO A 181 34.34 -12.52 -13.84
CA PRO A 181 34.05 -13.85 -14.41
C PRO A 181 34.48 -14.95 -13.45
N GLU A 182 33.70 -16.02 -13.44
CA GLU A 182 34.07 -17.19 -12.66
C GLU A 182 35.37 -17.78 -13.21
N PRO A 183 36.32 -18.14 -12.36
CA PRO A 183 37.61 -18.66 -12.86
C PRO A 183 37.41 -19.83 -13.80
N GLY A 184 37.89 -19.67 -15.04
CA GLY A 184 37.89 -20.73 -16.02
C GLY A 184 36.70 -20.76 -16.96
N GLU A 185 36.02 -19.63 -17.16
CA GLU A 185 34.89 -19.56 -18.09
C GLU A 185 35.29 -18.73 -19.31
N ASP A 186 34.74 -19.13 -20.46
CA ASP A 186 35.14 -18.53 -21.72
C ASP A 186 34.82 -17.05 -21.72
N PRO A 187 35.72 -16.18 -22.21
CA PRO A 187 35.39 -14.75 -22.27
C PRO A 187 34.16 -14.45 -23.11
N ARG A 188 33.86 -15.28 -24.11
CA ARG A 188 32.66 -15.07 -24.90
C ARG A 188 31.42 -15.19 -24.04
N VAL A 189 31.40 -16.16 -23.11
CA VAL A 189 30.25 -16.34 -22.24
C VAL A 189 30.10 -15.16 -21.28
N THR A 190 31.23 -14.61 -20.80
CA THR A 190 31.16 -13.51 -19.84
C THR A 190 30.48 -12.30 -20.45
N ARG A 191 30.79 -12.00 -21.71
CA ARG A 191 30.13 -10.88 -22.38
C ARG A 191 28.64 -11.13 -22.58
N ALA A 192 28.25 -12.39 -22.77
CA ALA A 192 26.83 -12.71 -22.92
C ALA A 192 26.10 -12.62 -21.59
N LYS A 193 26.75 -13.03 -20.50
CA LYS A 193 26.11 -12.95 -19.19
C LYS A 193 25.77 -11.52 -18.82
N TYR A 194 26.71 -10.60 -19.05
CA TYR A 194 26.55 -9.24 -18.55
C TYR A 194 25.67 -8.40 -19.47
N PHE A 195 25.61 -8.72 -20.77
CA PHE A 195 24.66 -8.04 -21.64
C PHE A 195 23.23 -8.34 -21.23
N ILE A 196 22.93 -9.59 -20.88
CA ILE A 196 21.60 -9.94 -20.38
C ILE A 196 21.33 -9.21 -19.07
N ARG A 197 22.32 -9.20 -18.18
CA ARG A 197 22.16 -8.53 -16.90
C ARG A 197 21.92 -7.04 -17.10
N ASP A 198 22.66 -6.42 -18.01
CA ASP A 198 22.54 -4.98 -18.23
C ASP A 198 21.15 -4.59 -18.70
N GLU A 199 20.50 -5.45 -19.49
CA GLU A 199 19.19 -5.11 -20.04
C GLU A 199 18.17 -4.86 -18.94
N PHE A 200 18.20 -5.68 -17.89
CA PHE A 200 17.29 -5.47 -16.76
C PHE A 200 17.72 -4.29 -15.91
N LEU A 201 19.02 -4.02 -15.84
CA LEU A 201 19.49 -2.89 -15.02
C LEU A 201 19.21 -1.55 -15.68
N ARG A 202 19.18 -1.49 -17.01
CA ARG A 202 18.79 -0.26 -17.68
C ARG A 202 17.35 0.12 -17.37
N ILE A 203 16.46 -0.88 -17.31
CA ILE A 203 15.07 -0.62 -16.91
C ILE A 203 15.03 -0.14 -15.46
N SER A 204 15.77 -0.81 -14.58
CA SER A 204 15.67 -0.53 -13.15
C SER A 204 16.14 0.89 -12.84
N THR A 205 17.23 1.32 -13.46
CA THR A 205 17.81 2.63 -13.16
C THR A 205 17.22 3.75 -14.00
N ALA A 206 16.30 3.45 -14.92
CA ALA A 206 15.74 4.49 -15.77
C ALA A 206 14.71 5.34 -15.02
N SER A 207 14.03 4.76 -14.02
CA SER A 207 12.95 5.45 -13.33
C SER A 207 13.03 5.39 -11.81
N GLY A 208 13.65 4.36 -11.23
CA GLY A 208 13.71 4.25 -9.79
C GLY A 208 14.47 5.38 -9.13
N ASP A 209 13.77 6.23 -8.40
CA ASP A 209 14.38 7.40 -7.75
C ASP A 209 14.78 7.08 -6.32
N GLY A 210 15.62 6.06 -6.17
CA GLY A 210 16.23 5.74 -4.91
C GLY A 210 15.33 5.08 -3.89
N ARG A 211 14.12 4.67 -4.27
CA ARG A 211 13.21 4.01 -3.33
C ARG A 211 13.22 2.50 -3.46
N HIS A 212 13.60 1.98 -4.63
CA HIS A 212 13.71 0.55 -4.85
C HIS A 212 14.88 0.27 -5.77
N TYR A 213 15.52 -0.88 -5.57
CA TYR A 213 16.72 -1.26 -6.30
C TYR A 213 16.60 -2.70 -6.75
N CYS A 214 17.36 -3.06 -7.79
CA CYS A 214 17.41 -4.41 -8.32
C CYS A 214 18.69 -5.08 -7.85
N TYR A 215 18.61 -6.39 -7.58
CA TYR A 215 19.72 -7.18 -7.06
C TYR A 215 19.96 -8.36 -8.00
N PRO A 216 20.67 -8.14 -9.10
CA PRO A 216 20.90 -9.23 -10.06
C PRO A 216 21.79 -10.31 -9.48
N HIS A 217 21.51 -11.56 -9.84
CA HIS A 217 22.32 -12.70 -9.44
C HIS A 217 22.33 -13.73 -10.56
N PHE A 218 23.52 -14.24 -10.89
CA PHE A 218 23.66 -15.33 -11.84
C PHE A 218 23.53 -16.64 -11.09
N THR A 219 22.67 -17.53 -11.61
CA THR A 219 22.26 -18.73 -10.88
C THR A 219 22.16 -19.90 -11.83
N CYS A 220 22.33 -21.10 -11.28
CA CYS A 220 22.12 -22.34 -12.00
C CYS A 220 21.30 -23.27 -11.12
N ALA A 221 20.97 -24.45 -11.66
CA ALA A 221 20.14 -25.39 -10.92
C ALA A 221 20.88 -25.98 -9.73
N VAL A 222 22.20 -26.12 -9.82
CA VAL A 222 23.00 -26.75 -8.78
C VAL A 222 23.51 -25.69 -7.80
N ASP A 223 22.97 -24.47 -7.89
CA ASP A 223 23.38 -23.39 -7.02
C ASP A 223 22.72 -23.57 -5.66
N THR A 224 23.48 -24.10 -4.70
CA THR A 224 22.95 -24.33 -3.37
C THR A 224 22.81 -23.03 -2.59
N GLU A 225 23.67 -22.05 -2.87
CA GLU A 225 23.71 -20.81 -2.09
C GLU A 225 22.84 -19.75 -2.76
N ASN A 226 21.53 -19.97 -2.71
CA ASN A 226 20.54 -19.03 -3.19
C ASN A 226 19.73 -18.38 -2.09
N ALA A 227 19.40 -19.11 -1.02
CA ALA A 227 18.69 -18.51 0.10
C ALA A 227 19.56 -17.46 0.79
N ARG A 228 20.88 -17.70 0.85
CA ARG A 228 21.78 -16.73 1.43
C ARG A 228 21.72 -15.39 0.69
N ARG A 229 21.68 -15.44 -0.64
CA ARG A 229 21.64 -14.21 -1.42
C ARG A 229 20.37 -13.43 -1.14
N ILE A 230 19.24 -14.12 -0.98
CA ILE A 230 17.99 -13.45 -0.61
C ILE A 230 18.12 -12.83 0.77
N PHE A 231 18.74 -13.55 1.71
CA PHE A 231 18.94 -13.02 3.04
C PHE A 231 19.79 -11.75 3.01
N ASN A 232 20.87 -11.77 2.21
CA ASN A 232 21.74 -10.60 2.13
C ASN A 232 21.02 -9.43 1.47
N ASP A 233 20.22 -9.70 0.44
CA ASP A 233 19.50 -8.63 -0.23
C ASP A 233 18.38 -8.09 0.67
N CYS A 234 17.80 -8.95 1.51
CA CYS A 234 16.79 -8.48 2.44
C CYS A 234 17.40 -7.58 3.52
N ARG A 235 18.62 -7.91 3.96
CA ARG A 235 19.35 -7.00 4.83
C ARG A 235 19.45 -5.62 4.20
N ASP A 236 19.84 -5.56 2.93
CA ASP A 236 20.00 -4.27 2.26
C ASP A 236 18.68 -3.50 2.22
N ILE A 237 17.59 -4.19 1.88
CA ILE A 237 16.30 -3.52 1.74
C ILE A 237 15.85 -2.92 3.07
N ILE A 238 15.88 -3.73 4.13
CA ILE A 238 15.44 -3.24 5.43
C ILE A 238 16.40 -2.18 5.96
N GLN A 239 17.70 -2.33 5.69
CA GLN A 239 18.66 -1.35 6.18
C GLN A 239 18.38 0.03 5.58
N ARG A 240 18.07 0.08 4.29
CA ARG A 240 17.78 1.37 3.66
C ARG A 240 16.56 2.02 4.28
N MET A 241 15.51 1.24 4.56
CA MET A 241 14.29 1.80 5.11
C MET A 241 14.53 2.37 6.51
N HIS A 242 15.28 1.64 7.34
CA HIS A 242 15.59 2.15 8.68
C HIS A 242 16.41 3.43 8.60
N LEU A 243 17.41 3.46 7.71
CA LEU A 243 18.21 4.67 7.55
C LEU A 243 17.36 5.81 6.98
N ARG A 244 16.30 5.47 6.26
CA ARG A 244 15.36 6.50 5.80
C ARG A 244 14.48 7.00 6.94
N GLN A 245 14.03 6.10 7.81
CA GLN A 245 13.19 6.52 8.93
C GLN A 245 13.93 7.47 9.85
N TYR A 246 15.22 7.19 10.11
CA TYR A 246 16.04 8.07 10.92
C TYR A 246 16.46 9.33 10.17
N GLU A 247 16.11 9.45 8.90
CA GLU A 247 16.42 10.63 8.10
C GLU A 247 17.93 10.78 7.89
N LEU A 248 18.62 9.64 7.81
CA LEU A 248 20.05 9.62 7.51
C LEU A 248 20.31 9.33 6.04
N LEU A 249 19.26 9.29 5.22
CA LEU A 249 19.42 8.98 3.80
C LEU A 249 18.19 9.42 3.01
N GLN B 12 -15.50 -20.10 -41.87
CA GLN B 12 -15.01 -18.97 -42.70
C GLN B 12 -16.16 -18.05 -43.10
N SER B 13 -16.87 -18.43 -44.16
CA SER B 13 -18.00 -17.62 -44.61
C SER B 13 -19.09 -17.56 -43.56
N GLU B 14 -19.37 -18.67 -42.90
CA GLU B 14 -20.42 -18.69 -41.87
C GLU B 14 -20.07 -17.75 -40.72
N LEU B 15 -18.81 -17.76 -40.29
CA LEU B 15 -18.40 -16.86 -39.21
C LEU B 15 -18.57 -15.41 -39.61
N ASP B 16 -18.18 -15.06 -40.84
CA ASP B 16 -18.37 -13.69 -41.31
C ASP B 16 -19.85 -13.33 -41.37
N GLN B 17 -20.69 -14.25 -41.85
CA GLN B 17 -22.12 -13.98 -41.91
C GLN B 17 -22.69 -13.78 -40.51
N LEU B 18 -22.29 -14.62 -39.56
CA LEU B 18 -22.75 -14.44 -38.18
C LEU B 18 -22.25 -13.11 -37.62
N ARG B 19 -21.01 -12.74 -37.92
CA ARG B 19 -20.47 -11.48 -37.43
C ARG B 19 -21.27 -10.30 -37.98
N GLN B 20 -21.61 -10.34 -39.26
CA GLN B 20 -22.40 -9.27 -39.85
C GLN B 20 -23.78 -9.20 -39.20
N GLU B 21 -24.40 -10.36 -38.97
CA GLU B 21 -25.71 -10.38 -38.34
C GLU B 21 -25.65 -9.81 -36.93
N ALA B 22 -24.62 -10.18 -36.16
CA ALA B 22 -24.46 -9.63 -34.82
C ALA B 22 -24.24 -8.12 -34.87
N GLU B 23 -23.41 -7.65 -35.82
CA GLU B 23 -23.19 -6.21 -35.95
C GLU B 23 -24.48 -5.50 -36.36
N GLN B 24 -25.22 -6.07 -37.32
CA GLN B 24 -26.48 -5.47 -37.72
C GLN B 24 -27.47 -5.45 -36.57
N LEU B 25 -27.56 -6.55 -35.82
CA LEU B 25 -28.44 -6.58 -34.65
C LEU B 25 -28.00 -5.58 -33.60
N LYS B 26 -26.70 -5.45 -33.38
CA LYS B 26 -26.20 -4.46 -32.43
C LYS B 26 -26.60 -3.05 -32.85
N ASN B 27 -26.56 -2.77 -34.16
CA ASN B 27 -27.00 -1.46 -34.64
C ASN B 27 -28.48 -1.24 -34.34
N GLN B 28 -29.29 -2.28 -34.48
CA GLN B 28 -30.71 -2.15 -34.17
C GLN B 28 -30.92 -1.79 -32.70
N ILE B 29 -30.13 -2.40 -31.80
CA ILE B 29 -30.25 -2.08 -30.38
C ILE B 29 -29.92 -0.62 -30.14
N ARG B 30 -28.85 -0.12 -30.77
CA ARG B 30 -28.47 1.28 -30.58
C ARG B 30 -29.58 2.20 -31.09
N ASP B 31 -30.15 1.89 -32.26
CA ASP B 31 -31.21 2.72 -32.80
C ASP B 31 -32.42 2.75 -31.88
N ALA B 32 -32.81 1.59 -31.35
CA ALA B 32 -33.94 1.55 -30.43
C ALA B 32 -33.65 2.34 -29.15
N ARG B 33 -32.43 2.22 -28.63
CA ARG B 33 -32.08 2.96 -27.42
C ARG B 33 -32.13 4.47 -27.66
N LYS B 34 -31.61 4.94 -28.79
CA LYS B 34 -31.60 6.36 -29.08
C LYS B 34 -33.00 6.89 -29.38
N ALA B 35 -33.91 6.02 -29.81
CA ALA B 35 -35.29 6.47 -30.07
C ALA B 35 -35.96 6.92 -28.77
N CYS B 36 -35.73 6.19 -27.68
CA CYS B 36 -36.34 6.50 -26.39
C CYS B 36 -35.44 7.44 -25.59
N ALA B 37 -35.13 8.59 -26.19
CA ALA B 37 -34.30 9.62 -25.57
C ALA B 37 -35.01 10.98 -25.73
N ASP B 38 -35.88 11.30 -24.76
CA ASP B 38 -36.58 12.57 -24.80
C ASP B 38 -35.69 13.69 -24.29
N ALA B 39 -35.20 13.58 -23.05
CA ALA B 39 -34.35 14.60 -22.48
C ALA B 39 -33.40 13.94 -21.48
N THR B 40 -32.30 14.62 -21.21
CA THR B 40 -31.31 14.14 -20.26
C THR B 40 -31.78 14.47 -18.84
N LEU B 41 -31.39 13.60 -17.89
CA LEU B 41 -31.82 13.79 -16.51
C LEU B 41 -31.39 15.15 -15.98
N SER B 42 -30.29 15.71 -16.50
CA SER B 42 -29.88 17.05 -16.09
C SER B 42 -30.91 18.10 -16.49
N GLN B 43 -31.49 17.98 -17.68
CA GLN B 43 -32.47 18.96 -18.14
C GLN B 43 -33.70 18.95 -17.25
N ILE B 44 -34.18 17.76 -16.87
CA ILE B 44 -35.37 17.67 -16.03
C ILE B 44 -35.11 18.22 -14.64
N THR B 45 -33.93 17.96 -14.08
CA THR B 45 -33.61 18.35 -12.70
C THR B 45 -33.20 19.81 -12.58
N ASN B 46 -33.48 20.64 -13.58
CA ASN B 46 -33.15 22.06 -13.49
C ASN B 46 -34.05 22.82 -12.53
N ASN B 47 -35.23 22.27 -12.22
CA ASN B 47 -36.21 22.96 -11.38
C ASN B 47 -36.21 22.48 -9.93
N ILE B 48 -35.32 21.56 -9.57
CA ILE B 48 -35.23 21.09 -8.20
C ILE B 48 -34.12 21.85 -7.49
N ASP B 49 -34.28 22.02 -6.17
CA ASP B 49 -33.36 22.85 -5.41
C ASP B 49 -32.02 22.14 -5.21
N PRO B 50 -30.92 22.90 -5.17
CA PRO B 50 -29.62 22.27 -4.88
C PRO B 50 -29.61 21.63 -3.51
N VAL B 51 -28.82 20.56 -3.39
CA VAL B 51 -28.73 19.85 -2.11
C VAL B 51 -28.07 20.72 -1.05
N GLY B 52 -27.09 21.54 -1.44
CA GLY B 52 -26.37 22.36 -0.48
C GLY B 52 -24.92 21.98 -0.36
N ARG B 53 -24.40 21.93 0.86
CA ARG B 53 -23.01 21.56 1.12
C ARG B 53 -23.01 20.52 2.24
N ILE B 54 -22.76 19.27 1.87
CA ILE B 54 -22.73 18.19 2.85
C ILE B 54 -21.36 18.19 3.53
N GLN B 55 -21.36 18.25 4.86
CA GLN B 55 -20.13 18.25 5.65
C GLN B 55 -20.28 17.22 6.76
N MET B 56 -19.75 16.02 6.52
CA MET B 56 -19.70 14.97 7.52
C MET B 56 -18.34 14.98 8.20
N ARG B 57 -18.31 14.46 9.43
CA ARG B 57 -17.08 14.43 10.21
C ARG B 57 -16.89 13.04 10.78
N THR B 58 -15.63 12.65 10.94
CA THR B 58 -15.30 11.34 11.52
C THR B 58 -15.88 11.24 12.92
N ARG B 59 -16.79 10.29 13.11
CA ARG B 59 -17.36 10.07 14.44
C ARG B 59 -16.64 8.96 15.18
N ARG B 60 -16.16 7.95 14.45
CA ARG B 60 -15.40 6.86 15.03
C ARG B 60 -14.21 6.54 14.14
N THR B 61 -13.18 5.96 14.73
CA THR B 61 -12.03 5.44 13.99
C THR B 61 -11.71 4.05 14.54
N LEU B 62 -11.83 3.05 13.67
CA LEU B 62 -11.62 1.66 14.04
C LEU B 62 -10.20 1.26 13.65
N ARG B 63 -9.36 0.99 14.66
CA ARG B 63 -7.94 0.74 14.45
C ARG B 63 -7.54 -0.53 15.18
N GLY B 64 -7.57 -1.66 14.47
CA GLY B 64 -7.07 -2.90 15.02
C GLY B 64 -6.43 -3.80 13.98
N HIS B 65 -6.24 -3.30 12.77
CA HIS B 65 -5.77 -4.10 11.65
C HIS B 65 -4.28 -3.86 11.42
N LEU B 66 -3.55 -4.95 11.13
CA LEU B 66 -2.11 -4.87 10.93
C LEU B 66 -1.76 -4.39 9.53
N ALA B 67 -2.47 -4.87 8.51
CA ALA B 67 -2.16 -4.60 7.12
C ALA B 67 -3.31 -3.82 6.49
N LYS B 68 -3.21 -3.63 5.17
CA LYS B 68 -4.22 -2.86 4.45
C LYS B 68 -5.57 -3.58 4.50
N ILE B 69 -6.64 -2.79 4.57
CA ILE B 69 -8.00 -3.31 4.55
C ILE B 69 -8.47 -3.37 3.11
N TYR B 70 -9.18 -4.44 2.77
CA TYR B 70 -9.64 -4.66 1.40
C TYR B 70 -11.15 -4.57 1.23
N ALA B 71 -11.93 -4.92 2.25
CA ALA B 71 -13.38 -4.91 2.11
C ALA B 71 -14.03 -4.83 3.48
N MET B 72 -15.14 -4.10 3.56
CA MET B 72 -15.98 -4.04 4.74
C MET B 72 -17.43 -4.18 4.31
N HIS B 73 -18.26 -4.66 5.23
CA HIS B 73 -19.69 -4.79 4.96
C HIS B 73 -20.48 -4.55 6.25
N TRP B 74 -21.47 -3.66 6.16
CA TRP B 74 -22.33 -3.32 7.27
C TRP B 74 -23.31 -4.44 7.57
N GLY B 75 -23.71 -4.55 8.84
CA GLY B 75 -24.80 -5.41 9.21
C GLY B 75 -26.15 -4.74 8.97
N THR B 76 -27.20 -5.56 9.00
CA THR B 76 -28.54 -5.06 8.75
C THR B 76 -29.12 -4.28 9.94
N ASP B 77 -28.45 -4.29 11.08
CA ASP B 77 -28.86 -3.50 12.22
C ASP B 77 -28.23 -2.11 12.23
N SER B 78 -27.37 -1.81 11.27
CA SER B 78 -26.74 -0.50 11.12
C SER B 78 -25.77 -0.20 12.26
N ARG B 79 -25.37 -1.22 13.01
CA ARG B 79 -24.47 -1.03 14.15
C ARG B 79 -23.24 -1.94 14.09
N LEU B 80 -23.38 -3.16 13.54
CA LEU B 80 -22.28 -4.09 13.39
C LEU B 80 -21.77 -4.09 11.96
N LEU B 81 -20.46 -4.20 11.79
CA LEU B 81 -19.83 -4.31 10.49
C LEU B 81 -18.62 -5.22 10.58
N VAL B 82 -18.30 -5.86 9.45
CA VAL B 82 -17.16 -6.75 9.34
C VAL B 82 -16.18 -6.13 8.35
N SER B 83 -14.89 -6.42 8.53
CA SER B 83 -13.84 -5.92 7.66
C SER B 83 -12.79 -7.00 7.47
N ALA B 84 -12.10 -6.95 6.34
CA ALA B 84 -11.08 -7.91 5.98
C ALA B 84 -9.77 -7.19 5.71
N SER B 85 -8.68 -7.71 6.28
CA SER B 85 -7.36 -7.13 6.12
C SER B 85 -6.40 -8.19 5.59
N GLN B 86 -5.44 -7.75 4.78
CA GLN B 86 -4.54 -8.65 4.08
C GLN B 86 -3.47 -9.27 4.99
N ASP B 87 -3.55 -9.05 6.29
CA ASP B 87 -2.70 -9.77 7.24
C ASP B 87 -3.28 -11.13 7.60
N GLY B 88 -4.47 -11.46 7.11
CA GLY B 88 -5.11 -12.72 7.43
C GLY B 88 -6.04 -12.59 8.62
N LYS B 89 -6.78 -11.48 8.69
CA LYS B 89 -7.65 -11.20 9.82
C LYS B 89 -9.01 -10.76 9.31
N LEU B 90 -10.04 -11.06 10.09
CA LEU B 90 -11.43 -10.74 9.76
C LEU B 90 -12.12 -10.27 11.03
N ILE B 91 -12.19 -8.96 11.24
CA ILE B 91 -12.66 -8.36 12.49
C ILE B 91 -14.11 -7.95 12.33
N ILE B 92 -14.88 -8.14 13.40
CA ILE B 92 -16.24 -7.63 13.51
C ILE B 92 -16.27 -6.59 14.62
N TRP B 93 -16.75 -5.40 14.29
CA TRP B 93 -16.74 -4.26 15.22
C TRP B 93 -18.15 -3.88 15.61
N ASP B 94 -18.27 -3.37 16.84
CA ASP B 94 -19.45 -2.64 17.28
C ASP B 94 -19.16 -1.16 17.06
N SER B 95 -19.82 -0.56 16.07
CA SER B 95 -19.49 0.79 15.66
C SER B 95 -19.92 1.85 16.68
N TYR B 96 -20.92 1.57 17.51
CA TYR B 96 -21.34 2.54 18.52
C TYR B 96 -20.27 2.71 19.60
N THR B 97 -19.76 1.61 20.14
CA THR B 97 -18.79 1.62 21.22
C THR B 97 -17.36 1.47 20.76
N THR B 98 -17.14 1.17 19.46
CA THR B 98 -15.80 1.00 18.90
C THR B 98 -15.20 -0.34 19.32
N ASN B 99 -15.89 -1.08 20.18
CA ASN B 99 -15.37 -2.36 20.64
C ASN B 99 -15.51 -3.41 19.53
N LYS B 100 -14.52 -4.29 19.46
CA LYS B 100 -14.47 -5.34 18.45
C LYS B 100 -14.93 -6.65 19.08
N VAL B 101 -15.90 -7.30 18.43
CA VAL B 101 -16.53 -8.49 18.98
C VAL B 101 -15.75 -9.75 18.60
N HIS B 102 -15.31 -9.86 17.35
CA HIS B 102 -14.65 -11.06 16.87
C HIS B 102 -13.39 -10.68 16.10
N ALA B 103 -12.43 -11.59 16.09
CA ALA B 103 -11.22 -11.47 15.28
C ALA B 103 -10.91 -12.87 14.75
N ILE B 104 -11.29 -13.12 13.51
CA ILE B 104 -11.21 -14.45 12.91
C ILE B 104 -9.92 -14.55 12.11
N PRO B 105 -9.01 -15.47 12.42
CA PRO B 105 -7.80 -15.63 11.61
C PRO B 105 -8.08 -16.48 10.37
N LEU B 106 -7.64 -16.00 9.22
CA LEU B 106 -7.91 -16.67 7.95
C LEU B 106 -6.74 -17.56 7.55
N ARG B 107 -7.07 -18.69 6.92
CA ARG B 107 -6.05 -19.62 6.47
C ARG B 107 -5.17 -18.98 5.39
N SER B 108 -5.78 -18.24 4.47
CA SER B 108 -5.06 -17.54 3.42
C SER B 108 -5.03 -16.05 3.75
N SER B 109 -3.82 -15.47 3.68
CA SER B 109 -3.66 -14.07 4.06
C SER B 109 -4.27 -13.13 3.04
N TRP B 110 -4.34 -13.54 1.77
CA TRP B 110 -4.70 -12.65 0.67
C TRP B 110 -6.21 -12.66 0.41
N VAL B 111 -6.95 -12.17 1.39
CA VAL B 111 -8.40 -12.02 1.25
C VAL B 111 -8.70 -10.74 0.49
N MET B 112 -9.75 -10.79 -0.34
CA MET B 112 -10.13 -9.65 -1.17
C MET B 112 -11.59 -9.24 -0.99
N THR B 113 -12.39 -10.01 -0.26
CA THR B 113 -13.80 -9.68 -0.10
C THR B 113 -14.30 -10.24 1.22
N CYS B 114 -15.30 -9.57 1.79
CA CYS B 114 -15.99 -10.07 2.97
C CYS B 114 -17.46 -9.72 2.86
N ALA B 115 -18.31 -10.57 3.44
CA ALA B 115 -19.75 -10.38 3.36
C ALA B 115 -20.37 -10.66 4.72
N TYR B 116 -21.45 -9.94 5.00
CA TYR B 116 -22.20 -10.08 6.24
C TYR B 116 -23.57 -10.65 5.90
N ALA B 117 -23.95 -11.74 6.57
CA ALA B 117 -25.24 -12.35 6.29
C ALA B 117 -26.36 -11.38 6.66
N PRO B 118 -27.46 -11.37 5.90
CA PRO B 118 -28.56 -10.46 6.25
C PRO B 118 -29.13 -10.72 7.62
N SER B 119 -29.14 -11.98 8.06
CA SER B 119 -29.57 -12.33 9.41
C SER B 119 -28.50 -12.09 10.46
N GLY B 120 -27.24 -11.91 10.05
CA GLY B 120 -26.15 -11.74 10.98
C GLY B 120 -25.62 -13.01 11.59
N ASN B 121 -25.99 -14.18 11.05
CA ASN B 121 -25.56 -15.44 11.65
C ASN B 121 -24.25 -15.94 11.06
N TYR B 122 -23.90 -15.51 9.85
CA TYR B 122 -22.69 -15.95 9.18
C TYR B 122 -21.92 -14.77 8.60
N VAL B 123 -20.64 -15.01 8.34
CA VAL B 123 -19.76 -14.07 7.66
C VAL B 123 -18.97 -14.86 6.63
N ALA B 124 -18.75 -14.27 5.46
CA ALA B 124 -18.07 -14.92 4.36
C ALA B 124 -16.89 -14.08 3.90
N CYS B 125 -15.87 -14.75 3.37
CA CYS B 125 -14.68 -14.08 2.85
C CYS B 125 -14.03 -14.96 1.78
N GLY B 126 -13.19 -14.33 0.96
CA GLY B 126 -12.47 -15.04 -0.08
C GLY B 126 -11.42 -14.15 -0.69
N GLY B 127 -10.55 -14.78 -1.47
CA GLY B 127 -9.45 -14.05 -2.08
C GLY B 127 -8.67 -14.85 -3.10
N LEU B 128 -7.34 -14.75 -3.04
CA LEU B 128 -6.48 -15.38 -4.04
C LEU B 128 -6.49 -16.90 -3.94
N ASP B 129 -7.02 -17.46 -2.85
CA ASP B 129 -7.11 -18.91 -2.74
C ASP B 129 -8.19 -19.50 -3.63
N ASN B 130 -9.01 -18.66 -4.26
CA ASN B 130 -10.06 -19.11 -5.17
C ASN B 130 -11.15 -19.85 -4.42
N ILE B 131 -11.39 -19.46 -3.16
CA ILE B 131 -12.37 -20.13 -2.31
C ILE B 131 -13.16 -19.07 -1.56
N CYS B 132 -14.42 -19.41 -1.25
CA CYS B 132 -15.29 -18.58 -0.43
C CYS B 132 -15.52 -19.33 0.89
N SER B 133 -14.87 -18.88 1.95
CA SER B 133 -15.04 -19.48 3.26
C SER B 133 -16.21 -18.84 3.99
N ILE B 134 -16.96 -19.65 4.72
CA ILE B 134 -18.16 -19.21 5.42
C ILE B 134 -18.00 -19.55 6.90
N TYR B 135 -18.21 -18.56 7.75
CA TYR B 135 -17.99 -18.69 9.18
C TYR B 135 -19.30 -18.53 9.93
N ASN B 136 -19.62 -19.49 10.79
CA ASN B 136 -20.81 -19.44 11.62
C ASN B 136 -20.49 -18.64 12.87
N LEU B 137 -20.88 -17.36 12.88
CA LEU B 137 -20.57 -16.50 14.01
C LEU B 137 -21.27 -16.97 15.28
N LYS B 138 -22.54 -17.35 15.18
CA LYS B 138 -23.33 -17.71 16.35
C LYS B 138 -23.27 -19.22 16.57
N THR B 139 -22.06 -19.68 16.88
CA THR B 139 -21.81 -21.09 17.11
C THR B 139 -22.41 -21.52 18.45
N ARG B 140 -22.65 -22.83 18.57
CA ARG B 140 -23.19 -23.37 19.81
C ARG B 140 -22.22 -23.15 20.97
N GLU B 141 -20.93 -23.34 20.73
CA GLU B 141 -19.92 -23.18 21.76
C GLU B 141 -19.42 -21.74 21.90
N GLY B 142 -19.89 -20.82 21.05
CA GLY B 142 -19.49 -19.44 21.12
C GLY B 142 -18.29 -19.07 20.28
N ASN B 143 -17.58 -20.05 19.71
CA ASN B 143 -16.44 -19.75 18.86
C ASN B 143 -16.88 -19.48 17.43
N VAL B 144 -15.93 -19.03 16.61
CA VAL B 144 -16.15 -18.82 15.19
C VAL B 144 -15.27 -19.82 14.44
N ARG B 145 -15.91 -20.68 13.64
CA ARG B 145 -15.22 -21.70 12.89
C ARG B 145 -15.76 -21.75 11.47
N VAL B 146 -14.93 -22.24 10.56
CA VAL B 146 -15.31 -22.36 9.16
C VAL B 146 -16.48 -23.32 9.06
N SER B 147 -17.59 -22.84 8.48
CA SER B 147 -18.77 -23.67 8.28
C SER B 147 -18.79 -24.37 6.94
N ARG B 148 -18.21 -23.76 5.91
CA ARG B 148 -18.17 -24.35 4.57
C ARG B 148 -17.03 -23.71 3.80
N GLU B 149 -16.58 -24.42 2.76
CA GLU B 149 -15.51 -23.94 1.89
C GLU B 149 -15.93 -24.21 0.45
N LEU B 150 -16.29 -23.16 -0.27
CA LEU B 150 -16.77 -23.27 -1.63
C LEU B 150 -15.58 -23.18 -2.59
N ALA B 151 -15.27 -24.29 -3.27
CA ALA B 151 -14.00 -24.46 -3.97
C ALA B 151 -14.26 -24.87 -5.43
N GLY B 152 -15.13 -24.12 -6.11
CA GLY B 152 -15.45 -24.41 -7.49
C GLY B 152 -14.95 -23.37 -8.47
N HIS B 153 -14.42 -22.27 -7.97
CA HIS B 153 -13.92 -21.19 -8.81
C HIS B 153 -12.46 -21.42 -9.15
N THR B 154 -12.09 -21.13 -10.39
CA THR B 154 -10.70 -21.20 -10.84
C THR B 154 -10.25 -19.78 -11.16
N GLY B 155 -9.86 -19.06 -10.12
CA GLY B 155 -9.59 -17.64 -10.20
C GLY B 155 -9.98 -16.99 -8.89
N TYR B 156 -9.31 -15.88 -8.59
CA TYR B 156 -9.46 -15.26 -7.27
C TYR B 156 -10.88 -14.76 -7.06
N LEU B 157 -11.32 -14.81 -5.81
CA LEU B 157 -12.65 -14.34 -5.44
C LEU B 157 -12.61 -12.82 -5.24
N SER B 158 -13.49 -12.11 -5.95
CA SER B 158 -13.51 -10.65 -5.91
C SER B 158 -14.65 -10.08 -5.08
N CYS B 159 -15.81 -10.74 -5.07
CA CYS B 159 -16.95 -10.27 -4.29
C CYS B 159 -17.84 -11.44 -3.92
N CYS B 160 -18.65 -11.24 -2.88
CA CYS B 160 -19.63 -12.23 -2.45
C CYS B 160 -20.69 -11.53 -1.63
N ARG B 161 -21.95 -11.88 -1.86
CA ARG B 161 -23.07 -11.30 -1.13
C ARG B 161 -24.09 -12.38 -0.81
N PHE B 162 -24.37 -12.54 0.48
CA PHE B 162 -25.36 -13.52 0.93
C PHE B 162 -26.73 -13.18 0.37
N LEU B 163 -27.43 -14.21 -0.10
CA LEU B 163 -28.84 -14.10 -0.45
C LEU B 163 -29.75 -14.60 0.66
N ASP B 164 -29.32 -15.63 1.36
CA ASP B 164 -30.01 -16.16 2.53
C ASP B 164 -28.94 -16.75 3.44
N ASP B 165 -29.33 -17.58 4.40
CA ASP B 165 -28.36 -18.33 5.19
C ASP B 165 -27.91 -19.60 4.46
N ASN B 166 -28.46 -19.88 3.28
CA ASN B 166 -28.10 -21.06 2.51
C ASN B 166 -27.76 -20.75 1.06
N GLN B 167 -27.82 -19.49 0.64
CA GLN B 167 -27.52 -19.10 -0.74
C GLN B 167 -26.62 -17.88 -0.73
N ILE B 168 -25.54 -17.94 -1.50
CA ILE B 168 -24.62 -16.83 -1.66
C ILE B 168 -24.20 -16.75 -3.13
N VAL B 169 -24.14 -15.52 -3.64
CA VAL B 169 -23.71 -15.26 -5.01
C VAL B 169 -22.30 -14.70 -4.98
N THR B 170 -21.43 -15.23 -5.82
CA THR B 170 -20.01 -14.92 -5.77
C THR B 170 -19.50 -14.60 -7.17
N SER B 171 -18.54 -13.69 -7.23
CA SER B 171 -17.85 -13.34 -8.46
C SER B 171 -16.36 -13.61 -8.28
N SER B 172 -15.69 -14.02 -9.36
CA SER B 172 -14.29 -14.38 -9.30
C SER B 172 -13.56 -13.87 -10.54
N GLY B 173 -12.23 -13.94 -10.48
CA GLY B 173 -11.42 -13.44 -11.57
C GLY B 173 -11.38 -14.35 -12.78
N ASP B 174 -12.17 -15.43 -12.75
CA ASP B 174 -12.28 -16.35 -13.87
C ASP B 174 -13.36 -15.93 -14.86
N THR B 175 -13.87 -14.71 -14.75
CA THR B 175 -14.83 -14.09 -15.66
C THR B 175 -16.26 -14.57 -15.43
N THR B 176 -16.53 -15.38 -14.41
CA THR B 176 -17.86 -15.92 -14.18
C THR B 176 -18.32 -15.60 -12.76
N CYS B 177 -19.63 -15.48 -12.61
CA CYS B 177 -20.29 -15.43 -11.31
C CYS B 177 -20.97 -16.76 -11.05
N ALA B 178 -21.17 -17.07 -9.77
CA ALA B 178 -21.75 -18.34 -9.39
C ALA B 178 -22.79 -18.12 -8.30
N LEU B 179 -23.75 -19.03 -8.24
CA LEU B 179 -24.76 -19.09 -7.18
C LEU B 179 -24.53 -20.41 -6.44
N TRP B 180 -24.28 -20.31 -5.15
CA TRP B 180 -23.87 -21.46 -4.35
C TRP B 180 -24.99 -21.92 -3.43
N ASP B 181 -25.03 -23.22 -3.17
CA ASP B 181 -25.87 -23.81 -2.14
C ASP B 181 -24.95 -24.26 -1.02
N ILE B 182 -24.92 -23.50 0.07
CA ILE B 182 -23.95 -23.75 1.13
C ILE B 182 -24.21 -25.09 1.78
N GLU B 183 -25.48 -25.49 1.91
CA GLU B 183 -25.80 -26.76 2.53
C GLU B 183 -25.16 -27.92 1.77
N THR B 184 -25.23 -27.88 0.43
CA THR B 184 -24.58 -28.89 -0.39
C THR B 184 -23.18 -28.48 -0.83
N GLY B 185 -22.87 -27.19 -0.81
CA GLY B 185 -21.54 -26.72 -1.15
C GLY B 185 -21.22 -26.75 -2.62
N GLN B 186 -22.22 -26.78 -3.49
CA GLN B 186 -22.02 -26.86 -4.92
C GLN B 186 -22.76 -25.74 -5.63
N GLN B 187 -22.22 -25.32 -6.76
CA GLN B 187 -22.81 -24.24 -7.55
C GLN B 187 -24.17 -24.67 -8.06
N THR B 188 -25.23 -24.00 -7.58
CA THR B 188 -26.57 -24.27 -8.11
C THR B 188 -26.73 -23.69 -9.50
N THR B 189 -26.09 -22.54 -9.77
CA THR B 189 -26.17 -21.89 -11.06
C THR B 189 -24.87 -21.15 -11.32
N THR B 190 -24.47 -21.10 -12.59
CA THR B 190 -23.28 -20.38 -13.01
C THR B 190 -23.67 -19.33 -14.04
N PHE B 191 -23.13 -18.13 -13.90
CA PHE B 191 -23.41 -17.02 -14.79
C PHE B 191 -22.17 -16.76 -15.64
N THR B 192 -22.33 -16.84 -16.96
CA THR B 192 -21.23 -16.68 -17.90
C THR B 192 -21.60 -15.65 -18.96
N GLY B 193 -20.58 -14.99 -19.50
CA GLY B 193 -20.78 -13.98 -20.52
C GLY B 193 -19.81 -12.84 -20.39
N HIS B 194 -19.22 -12.67 -19.20
CA HIS B 194 -18.22 -11.63 -18.99
C HIS B 194 -16.89 -12.06 -19.60
N THR B 195 -16.22 -11.12 -20.26
CA THR B 195 -14.98 -11.46 -20.97
C THR B 195 -13.77 -11.29 -20.07
N GLY B 196 -13.81 -10.33 -19.15
CA GLY B 196 -12.70 -10.10 -18.24
C GLY B 196 -13.04 -10.48 -16.82
N ASP B 197 -12.13 -10.20 -15.88
CA ASP B 197 -12.39 -10.49 -14.48
C ASP B 197 -13.61 -9.72 -14.00
N VAL B 198 -14.50 -10.39 -13.30
CA VAL B 198 -15.64 -9.73 -12.68
C VAL B 198 -15.21 -9.24 -11.30
N MET B 199 -15.39 -7.95 -11.05
CA MET B 199 -14.79 -7.29 -9.90
C MET B 199 -15.76 -7.08 -8.74
N SER B 200 -17.04 -6.81 -9.02
CA SER B 200 -18.00 -6.53 -7.97
C SER B 200 -19.39 -6.94 -8.45
N LEU B 201 -20.28 -7.17 -7.47
CA LEU B 201 -21.67 -7.48 -7.74
C LEU B 201 -22.53 -6.77 -6.71
N SER B 202 -23.75 -6.39 -7.12
CA SER B 202 -24.70 -5.74 -6.23
C SER B 202 -26.07 -6.36 -6.38
N LEU B 203 -26.68 -6.68 -5.25
CA LEU B 203 -27.98 -7.35 -5.20
C LEU B 203 -29.10 -6.31 -5.19
N ALA B 204 -30.15 -6.60 -5.96
CA ALA B 204 -31.32 -5.73 -5.97
C ALA B 204 -32.06 -5.82 -4.64
N PRO B 205 -32.81 -4.78 -4.27
CA PRO B 205 -33.53 -4.85 -2.99
C PRO B 205 -34.44 -6.07 -2.88
N ASP B 206 -35.08 -6.47 -3.97
CA ASP B 206 -35.91 -7.67 -3.97
C ASP B 206 -35.10 -8.95 -4.10
N THR B 207 -33.82 -8.86 -4.46
CA THR B 207 -32.93 -10.01 -4.57
C THR B 207 -33.38 -11.00 -5.63
N ARG B 208 -34.20 -10.55 -6.59
CA ARG B 208 -34.58 -11.39 -7.71
C ARG B 208 -33.61 -11.28 -8.89
N LEU B 209 -32.74 -10.27 -8.88
CA LEU B 209 -31.78 -10.08 -9.96
C LEU B 209 -30.70 -9.13 -9.47
N PHE B 210 -29.49 -9.31 -9.98
CA PHE B 210 -28.33 -8.54 -9.54
C PHE B 210 -27.53 -8.07 -10.74
N VAL B 211 -26.70 -7.05 -10.52
CA VAL B 211 -25.84 -6.47 -11.55
C VAL B 211 -24.40 -6.80 -11.20
N SER B 212 -23.56 -6.90 -12.23
CA SER B 212 -22.17 -7.28 -12.07
C SER B 212 -21.30 -6.39 -12.95
N GLY B 213 -20.12 -6.03 -12.45
CA GLY B 213 -19.15 -5.26 -13.21
C GLY B 213 -17.85 -6.04 -13.33
N ALA B 214 -17.24 -5.98 -14.51
CA ALA B 214 -16.05 -6.76 -14.81
C ALA B 214 -15.02 -5.89 -15.50
N CYS B 215 -13.84 -6.48 -15.73
CA CYS B 215 -12.72 -5.79 -16.37
C CYS B 215 -12.83 -5.81 -17.88
N ASP B 216 -14.00 -5.40 -18.38
CA ASP B 216 -14.20 -5.22 -19.83
C ASP B 216 -15.05 -3.99 -20.12
N ALA B 217 -15.21 -3.10 -19.14
CA ALA B 217 -15.94 -1.85 -19.33
C ALA B 217 -17.41 -2.11 -19.63
N SER B 218 -17.96 -3.18 -19.07
CA SER B 218 -19.36 -3.53 -19.28
C SER B 218 -19.96 -4.03 -17.97
N ALA B 219 -21.27 -3.83 -17.84
CA ALA B 219 -22.02 -4.32 -16.69
C ALA B 219 -23.23 -5.10 -17.20
N LYS B 220 -23.53 -6.20 -16.51
CA LYS B 220 -24.57 -7.13 -16.94
C LYS B 220 -25.59 -7.33 -15.83
N LEU B 221 -26.85 -7.40 -16.22
CA LEU B 221 -27.95 -7.65 -15.29
C LEU B 221 -28.31 -9.12 -15.36
N TRP B 222 -28.19 -9.81 -14.23
CA TRP B 222 -28.34 -11.26 -14.16
C TRP B 222 -29.64 -11.62 -13.45
N ASP B 223 -30.37 -12.57 -14.02
CA ASP B 223 -31.57 -13.12 -13.39
C ASP B 223 -31.18 -14.32 -12.56
N VAL B 224 -31.31 -14.20 -11.24
CA VAL B 224 -30.83 -15.25 -10.33
C VAL B 224 -31.55 -16.56 -10.61
N ARG B 225 -32.88 -16.51 -10.73
CA ARG B 225 -33.65 -17.74 -10.92
C ARG B 225 -33.37 -18.34 -12.29
N GLU B 226 -33.43 -17.53 -13.35
CA GLU B 226 -33.22 -18.05 -14.69
C GLU B 226 -31.76 -18.41 -14.94
N GLY B 227 -30.84 -17.55 -14.49
CA GLY B 227 -29.43 -17.79 -14.74
C GLY B 227 -28.99 -17.29 -16.10
N MET B 228 -29.64 -16.24 -16.59
CA MET B 228 -29.37 -15.68 -17.91
C MET B 228 -29.06 -14.20 -17.78
N CYS B 229 -28.30 -13.69 -18.75
CA CYS B 229 -28.02 -12.26 -18.79
C CYS B 229 -29.19 -11.54 -19.45
N ARG B 230 -29.97 -10.82 -18.64
CA ARG B 230 -31.13 -10.09 -19.13
C ARG B 230 -30.73 -8.84 -19.90
N GLN B 231 -29.65 -8.18 -19.49
CA GLN B 231 -29.31 -6.86 -20.01
C GLN B 231 -27.83 -6.60 -19.79
N THR B 232 -27.21 -5.93 -20.77
CA THR B 232 -25.81 -5.54 -20.71
C THR B 232 -25.72 -4.04 -20.93
N PHE B 233 -24.97 -3.35 -20.08
CA PHE B 233 -24.81 -1.91 -20.13
C PHE B 233 -23.37 -1.58 -20.46
N THR B 234 -23.16 -0.99 -21.64
CA THR B 234 -21.82 -0.68 -22.12
C THR B 234 -21.54 0.80 -21.88
N GLY B 235 -20.73 1.09 -20.88
CA GLY B 235 -20.23 2.43 -20.63
C GLY B 235 -18.82 2.31 -20.11
N HIS B 236 -18.27 3.45 -19.67
CA HIS B 236 -16.94 3.46 -19.07
C HIS B 236 -15.89 3.10 -20.10
N GLU B 237 -14.67 3.58 -19.92
CA GLU B 237 -13.58 3.28 -20.84
C GLU B 237 -12.66 2.17 -20.35
N SER B 238 -12.58 1.95 -19.03
CA SER B 238 -11.67 0.96 -18.48
C SER B 238 -12.39 0.08 -17.47
N ASP B 239 -11.62 -0.71 -16.71
CA ASP B 239 -12.19 -1.70 -15.81
C ASP B 239 -13.14 -1.06 -14.82
N ILE B 240 -14.24 -1.76 -14.53
CA ILE B 240 -15.23 -1.33 -13.55
C ILE B 240 -14.86 -1.98 -12.21
N ASN B 241 -14.66 -1.15 -11.19
CA ASN B 241 -14.22 -1.64 -9.89
C ASN B 241 -15.36 -1.71 -8.87
N ALA B 242 -16.39 -0.89 -9.02
CA ALA B 242 -17.46 -0.80 -8.04
C ALA B 242 -18.81 -0.73 -8.74
N ILE B 243 -19.83 -1.28 -8.08
CA ILE B 243 -21.20 -1.27 -8.58
C ILE B 243 -22.15 -1.29 -7.40
N CYS B 244 -23.24 -0.52 -7.51
CA CYS B 244 -24.24 -0.46 -6.46
C CYS B 244 -25.60 -0.14 -7.06
N PHE B 245 -26.64 -0.71 -6.46
CA PHE B 245 -28.02 -0.50 -6.88
C PHE B 245 -28.59 0.78 -6.28
N PHE B 246 -29.54 1.36 -7.01
CA PHE B 246 -30.31 2.48 -6.50
C PHE B 246 -31.34 1.97 -5.50
N PRO B 247 -31.68 2.76 -4.48
CA PRO B 247 -32.57 2.25 -3.42
C PRO B 247 -33.88 1.69 -3.94
N ASN B 248 -34.47 2.26 -4.98
CA ASN B 248 -35.72 1.72 -5.52
C ASN B 248 -35.49 0.53 -6.46
N GLY B 249 -34.23 0.21 -6.78
CA GLY B 249 -33.91 -0.99 -7.52
C GLY B 249 -34.08 -0.90 -9.02
N ASN B 250 -34.40 0.28 -9.55
CA ASN B 250 -34.57 0.46 -10.99
C ASN B 250 -33.37 1.16 -11.62
N ALA B 251 -32.26 1.28 -10.90
CA ALA B 251 -31.06 1.92 -11.42
C ALA B 251 -29.87 1.44 -10.61
N PHE B 252 -28.68 1.72 -11.13
CA PHE B 252 -27.44 1.36 -10.44
C PHE B 252 -26.33 2.29 -10.92
N ALA B 253 -25.26 2.35 -10.14
CA ALA B 253 -24.11 3.20 -10.43
C ALA B 253 -22.84 2.36 -10.41
N THR B 254 -21.87 2.76 -11.23
CA THR B 254 -20.61 2.05 -11.38
C THR B 254 -19.45 3.02 -11.33
N GLY B 255 -18.30 2.52 -10.91
CA GLY B 255 -17.07 3.31 -10.92
C GLY B 255 -15.94 2.51 -11.54
N SER B 256 -15.17 3.18 -12.40
CA SER B 256 -14.12 2.54 -13.17
C SER B 256 -12.79 3.25 -12.97
N ASP B 257 -11.77 2.73 -13.64
CA ASP B 257 -10.43 3.30 -13.60
C ASP B 257 -10.30 4.54 -14.47
N ASP B 258 -11.30 4.87 -15.27
CA ASP B 258 -11.28 6.07 -16.10
C ASP B 258 -11.66 7.33 -15.34
N ALA B 259 -11.75 7.24 -14.01
CA ALA B 259 -11.98 8.42 -13.15
C ALA B 259 -13.34 9.05 -13.44
N THR B 260 -14.39 8.24 -13.36
CA THR B 260 -15.74 8.73 -13.56
C THR B 260 -16.73 7.68 -13.08
N CYS B 261 -17.86 8.16 -12.57
CA CYS B 261 -18.97 7.32 -12.16
C CYS B 261 -20.14 7.56 -13.09
N ARG B 262 -20.92 6.50 -13.32
CA ARG B 262 -22.03 6.56 -14.27
C ARG B 262 -23.27 5.98 -13.62
N LEU B 263 -24.42 6.52 -14.00
CA LEU B 263 -25.73 6.07 -13.53
C LEU B 263 -26.47 5.44 -14.70
N PHE B 264 -26.94 4.21 -14.51
CA PHE B 264 -27.64 3.46 -15.54
C PHE B 264 -29.06 3.16 -15.09
N ASP B 265 -29.99 3.10 -16.03
CA ASP B 265 -31.38 2.82 -15.75
C ASP B 265 -31.79 1.50 -16.41
N LEU B 266 -32.32 0.57 -15.61
CA LEU B 266 -32.71 -0.73 -16.14
C LEU B 266 -33.86 -0.61 -17.12
N ARG B 267 -34.85 0.23 -16.81
CA ARG B 267 -36.03 0.31 -17.66
C ARG B 267 -35.74 1.07 -18.95
N ALA B 268 -34.97 2.15 -18.87
CA ALA B 268 -34.65 2.94 -20.05
C ALA B 268 -33.52 2.34 -20.87
N ASP B 269 -32.77 1.38 -20.33
CA ASP B 269 -31.68 0.72 -21.06
C ASP B 269 -30.59 1.72 -21.46
N GLN B 270 -30.46 2.81 -20.72
CA GLN B 270 -29.57 3.89 -21.09
C GLN B 270 -28.79 4.36 -19.87
N GLU B 271 -27.62 4.96 -20.13
CA GLU B 271 -26.92 5.73 -19.12
C GLU B 271 -27.61 7.07 -18.92
N LEU B 272 -27.73 7.47 -17.65
CA LEU B 272 -28.45 8.70 -17.30
C LEU B 272 -27.54 9.85 -16.91
N MET B 273 -26.51 9.61 -16.10
CA MET B 273 -25.65 10.68 -15.64
C MET B 273 -24.23 10.18 -15.51
N THR B 274 -23.29 11.10 -15.66
CA THR B 274 -21.85 10.82 -15.52
C THR B 274 -21.30 11.81 -14.49
N TYR B 275 -20.67 11.27 -13.45
CA TYR B 275 -20.16 12.08 -12.36
C TYR B 275 -18.64 12.14 -12.46
N SER B 276 -18.14 13.15 -13.16
CA SER B 276 -16.71 13.30 -13.38
C SER B 276 -16.34 14.77 -13.32
N HIS B 277 -15.14 15.04 -12.82
CA HIS B 277 -14.59 16.38 -12.75
C HIS B 277 -13.18 16.37 -13.32
N ASP B 278 -12.81 17.48 -13.96
CA ASP B 278 -11.50 17.57 -14.60
C ASP B 278 -10.36 17.47 -13.60
N ASN B 279 -10.63 17.69 -12.31
CA ASN B 279 -9.57 17.69 -11.31
C ASN B 279 -9.31 16.30 -10.72
N ILE B 280 -10.06 15.28 -11.12
CA ILE B 280 -9.87 13.92 -10.63
C ILE B 280 -9.46 13.06 -11.82
N ILE B 281 -8.30 12.42 -11.70
CA ILE B 281 -7.79 11.55 -12.76
C ILE B 281 -7.41 10.20 -12.17
N CYS B 282 -8.04 9.83 -11.06
CA CYS B 282 -7.79 8.58 -10.38
C CYS B 282 -8.99 7.66 -10.53
N GLY B 283 -8.77 6.36 -10.29
CA GLY B 283 -9.84 5.41 -10.41
C GLY B 283 -10.72 5.38 -9.17
N ILE B 284 -11.96 4.93 -9.37
CA ILE B 284 -12.92 4.80 -8.28
C ILE B 284 -12.91 3.36 -7.79
N THR B 285 -12.67 3.17 -6.50
CA THR B 285 -12.59 1.84 -5.91
C THR B 285 -13.90 1.37 -5.28
N SER B 286 -14.83 2.26 -4.98
CA SER B 286 -16.05 1.88 -4.30
C SER B 286 -17.12 2.94 -4.55
N VAL B 287 -18.38 2.52 -4.51
CA VAL B 287 -19.52 3.41 -4.70
C VAL B 287 -20.65 2.94 -3.79
N SER B 288 -21.42 3.90 -3.29
CA SER B 288 -22.60 3.61 -2.51
C SER B 288 -23.59 4.76 -2.65
N PHE B 289 -24.85 4.46 -2.40
CA PHE B 289 -25.94 5.42 -2.49
C PHE B 289 -26.42 5.81 -1.10
N SER B 290 -27.06 6.98 -1.03
CA SER B 290 -27.74 7.43 0.17
C SER B 290 -29.06 6.67 0.32
N LYS B 291 -29.67 6.78 1.50
CA LYS B 291 -30.90 6.05 1.76
C LYS B 291 -32.01 6.45 0.80
N SER B 292 -32.14 7.75 0.53
CA SER B 292 -33.08 8.25 -0.46
C SER B 292 -32.53 8.20 -1.88
N GLY B 293 -31.27 7.83 -2.06
CA GLY B 293 -30.67 7.82 -3.37
C GLY B 293 -30.28 9.17 -3.91
N ARG B 294 -30.26 10.20 -3.05
CA ARG B 294 -29.95 11.55 -3.49
C ARG B 294 -28.46 11.85 -3.52
N LEU B 295 -27.67 11.18 -2.69
CA LEU B 295 -26.22 11.34 -2.66
C LEU B 295 -25.56 10.04 -3.10
N LEU B 296 -24.51 10.17 -3.90
CA LEU B 296 -23.73 9.03 -4.37
C LEU B 296 -22.31 9.21 -3.86
N LEU B 297 -21.89 8.37 -2.93
CA LEU B 297 -20.57 8.46 -2.32
C LEU B 297 -19.62 7.49 -3.02
N ALA B 298 -18.45 8.00 -3.40
CA ALA B 298 -17.49 7.23 -4.18
C ALA B 298 -16.10 7.34 -3.54
N GLY B 299 -15.45 6.19 -3.34
CA GLY B 299 -14.08 6.20 -2.89
C GLY B 299 -13.10 6.23 -4.05
N TYR B 300 -12.03 6.99 -3.87
CA TYR B 300 -11.07 7.25 -4.94
C TYR B 300 -9.69 6.75 -4.52
N ASP B 301 -8.80 6.67 -5.51
CA ASP B 301 -7.42 6.29 -5.25
C ASP B 301 -6.57 7.44 -4.72
N ASP B 302 -7.06 8.68 -4.80
CA ASP B 302 -6.35 9.85 -4.28
C ASP B 302 -6.48 9.96 -2.76
N PHE B 303 -6.89 8.91 -2.07
CA PHE B 303 -6.92 8.77 -0.62
C PHE B 303 -8.14 9.42 0.01
N ASN B 304 -9.04 10.04 -0.76
CA ASN B 304 -10.20 10.70 -0.19
C ASN B 304 -11.45 10.36 -1.00
N CYS B 305 -12.60 10.42 -0.34
CA CYS B 305 -13.88 10.13 -0.98
C CYS B 305 -14.54 11.41 -1.46
N ASN B 306 -15.63 11.24 -2.21
CA ASN B 306 -16.40 12.34 -2.74
C ASN B 306 -17.89 12.07 -2.53
N VAL B 307 -18.64 13.16 -2.38
CA VAL B 307 -20.09 13.11 -2.25
C VAL B 307 -20.67 13.80 -3.46
N TRP B 308 -21.47 13.08 -4.24
CA TRP B 308 -22.04 13.59 -5.47
C TRP B 308 -23.55 13.73 -5.31
N ASP B 309 -24.10 14.81 -5.86
CA ASP B 309 -25.55 14.94 -5.94
C ASP B 309 -26.06 14.09 -7.09
N ALA B 310 -26.76 13.01 -6.75
CA ALA B 310 -27.12 11.99 -7.74
C ALA B 310 -28.19 12.45 -8.72
N LEU B 311 -28.68 13.69 -8.61
CA LEU B 311 -29.68 14.20 -9.53
C LEU B 311 -29.22 15.39 -10.37
N LYS B 312 -28.19 16.11 -9.96
CA LYS B 312 -27.65 17.22 -10.74
C LYS B 312 -26.21 16.98 -11.18
N ALA B 313 -25.56 15.93 -10.68
CA ALA B 313 -24.17 15.58 -10.95
C ALA B 313 -23.19 16.59 -10.35
N ASP B 314 -23.64 17.47 -9.47
CA ASP B 314 -22.77 18.44 -8.82
C ASP B 314 -22.19 17.84 -7.55
N ARG B 315 -20.87 17.90 -7.41
CA ARG B 315 -20.23 17.41 -6.20
C ARG B 315 -20.57 18.32 -5.03
N ALA B 316 -20.99 17.72 -3.91
CA ALA B 316 -21.34 18.46 -2.70
C ALA B 316 -20.81 17.68 -1.51
N GLY B 317 -19.58 17.97 -1.11
CA GLY B 317 -18.97 17.33 0.04
C GLY B 317 -17.75 16.52 -0.34
N VAL B 318 -16.82 16.41 0.60
CA VAL B 318 -15.59 15.63 0.42
C VAL B 318 -15.20 15.05 1.77
N LEU B 319 -15.03 13.73 1.81
CA LEU B 319 -14.55 13.06 3.01
C LEU B 319 -13.05 12.84 2.91
N ALA B 320 -12.31 13.41 3.86
CA ALA B 320 -10.86 13.32 3.87
C ALA B 320 -10.43 12.87 5.26
N GLY B 321 -9.20 12.33 5.34
CA GLY B 321 -8.68 11.79 6.56
C GLY B 321 -8.17 10.37 6.48
N HIS B 322 -7.78 9.89 5.30
CA HIS B 322 -7.16 8.59 5.13
C HIS B 322 -5.78 8.78 4.51
N ASP B 323 -4.79 8.06 5.05
CA ASP B 323 -3.41 8.24 4.62
C ASP B 323 -3.14 7.55 3.28
N ASN B 324 -3.86 6.48 2.97
CA ASN B 324 -3.68 5.72 1.74
C ASN B 324 -4.99 5.69 0.95
N ARG B 325 -5.00 4.91 -0.12
CA ARG B 325 -6.16 4.83 -0.98
C ARG B 325 -7.35 4.23 -0.23
N VAL B 326 -8.54 4.71 -0.57
CA VAL B 326 -9.77 4.22 0.03
C VAL B 326 -10.22 2.99 -0.76
N SER B 327 -10.31 1.85 -0.09
CA SER B 327 -10.60 0.58 -0.74
C SER B 327 -12.07 0.17 -0.62
N CYS B 328 -12.72 0.48 0.49
CA CYS B 328 -14.09 0.08 0.74
C CYS B 328 -14.93 1.28 1.18
N LEU B 329 -16.25 1.14 1.04
CA LEU B 329 -17.17 2.23 1.32
C LEU B 329 -18.57 1.66 1.43
N GLY B 330 -19.25 1.98 2.54
CA GLY B 330 -20.58 1.43 2.78
C GLY B 330 -21.45 2.29 3.67
N VAL B 331 -22.73 2.42 3.30
CA VAL B 331 -23.72 3.18 4.08
C VAL B 331 -24.59 2.20 4.84
N THR B 332 -25.03 2.60 6.03
CA THR B 332 -25.83 1.72 6.87
C THR B 332 -27.23 1.53 6.27
N ASP B 333 -27.88 0.45 6.70
CA ASP B 333 -29.21 0.14 6.19
C ASP B 333 -30.21 1.25 6.53
N ASP B 334 -30.11 1.80 7.74
CA ASP B 334 -30.97 2.92 8.12
C ASP B 334 -30.49 4.25 7.53
N GLY B 335 -29.33 4.27 6.87
CA GLY B 335 -28.86 5.47 6.21
C GLY B 335 -28.30 6.52 7.14
N MET B 336 -27.90 6.15 8.35
CA MET B 336 -27.46 7.12 9.35
C MET B 336 -25.97 7.43 9.23
N ALA B 337 -25.14 6.45 8.92
CA ALA B 337 -23.70 6.64 8.86
C ALA B 337 -23.12 5.90 7.66
N VAL B 338 -21.93 6.34 7.25
CA VAL B 338 -21.18 5.72 6.16
C VAL B 338 -19.82 5.31 6.71
N ALA B 339 -19.38 4.10 6.37
CA ALA B 339 -18.10 3.56 6.80
C ALA B 339 -17.15 3.54 5.61
N THR B 340 -15.89 3.90 5.86
CA THR B 340 -14.87 3.98 4.82
C THR B 340 -13.61 3.27 5.29
N GLY B 341 -13.19 2.25 4.55
CA GLY B 341 -11.93 1.59 4.81
C GLY B 341 -10.85 2.09 3.88
N SER B 342 -9.59 1.80 4.19
CA SER B 342 -8.49 2.29 3.39
C SER B 342 -7.28 1.39 3.60
N TRP B 343 -6.29 1.54 2.71
CA TRP B 343 -5.07 0.75 2.80
C TRP B 343 -4.19 1.16 3.96
N ASP B 344 -4.52 2.24 4.67
CA ASP B 344 -3.81 2.60 5.89
C ASP B 344 -4.27 1.79 7.10
N SER B 345 -5.19 0.84 6.91
CA SER B 345 -5.58 -0.11 7.94
C SER B 345 -6.53 0.49 8.98
N PHE B 346 -7.19 1.59 8.65
CA PHE B 346 -8.18 2.19 9.53
C PHE B 346 -9.53 2.28 8.83
N LEU B 347 -10.60 2.20 9.61
CA LEU B 347 -11.96 2.45 9.15
C LEU B 347 -12.52 3.64 9.88
N LYS B 348 -13.16 4.55 9.14
CA LYS B 348 -13.73 5.77 9.70
C LYS B 348 -15.25 5.76 9.49
N ILE B 349 -15.99 6.10 10.53
CA ILE B 349 -17.43 6.27 10.45
C ILE B 349 -17.72 7.76 10.34
N TRP B 350 -18.59 8.12 9.39
CA TRP B 350 -18.92 9.52 9.11
C TRP B 350 -20.42 9.69 9.21
N ASN B 351 -20.86 10.88 9.63
CA ASN B 351 -22.27 11.16 9.79
C ASN B 351 -22.46 12.63 10.15
N ALA C 10 -19.29 -21.69 -33.28
CA ALA C 10 -20.32 -21.81 -32.20
C ALA C 10 -20.28 -20.60 -31.27
N GLN C 11 -19.08 -20.05 -31.07
CA GLN C 11 -18.95 -18.87 -30.22
C GLN C 11 -19.72 -17.69 -30.81
N ALA C 12 -19.67 -17.51 -32.14
CA ALA C 12 -20.45 -16.46 -32.76
C ALA C 12 -21.94 -16.73 -32.63
N ARG C 13 -22.35 -18.00 -32.75
CA ARG C 13 -23.76 -18.35 -32.59
C ARG C 13 -24.24 -18.03 -31.19
N LYS C 14 -23.41 -18.30 -30.18
CA LYS C 14 -23.79 -17.96 -28.81
C LYS C 14 -23.87 -16.46 -28.61
N LEU C 15 -22.98 -15.71 -29.26
CA LEU C 15 -23.02 -14.25 -29.14
C LEU C 15 -24.27 -13.67 -29.79
N VAL C 16 -24.60 -14.13 -31.00
CA VAL C 16 -25.73 -13.55 -31.72
C VAL C 16 -27.05 -13.92 -31.04
N GLU C 17 -27.19 -15.18 -30.60
CA GLU C 17 -28.43 -15.59 -29.94
C GLU C 17 -28.62 -14.83 -28.63
N GLN C 18 -27.55 -14.64 -27.87
CA GLN C 18 -27.64 -13.83 -26.65
C GLN C 18 -28.02 -12.40 -26.99
N LEU C 19 -27.43 -11.84 -28.05
CA LEU C 19 -27.76 -10.48 -28.45
C LEU C 19 -29.21 -10.36 -28.91
N LYS C 20 -29.76 -11.43 -29.49
CA LYS C 20 -31.18 -11.41 -29.86
C LYS C 20 -32.07 -11.31 -28.63
N MET C 21 -31.73 -12.01 -27.56
CA MET C 21 -32.54 -11.94 -26.35
C MET C 21 -32.52 -10.55 -25.75
N GLU C 22 -31.36 -9.87 -25.80
CA GLU C 22 -31.24 -8.53 -25.24
C GLU C 22 -31.92 -7.47 -26.11
N ALA C 23 -32.23 -7.80 -27.37
CA ALA C 23 -32.82 -6.86 -28.31
C ALA C 23 -34.34 -6.99 -28.37
N ASN C 24 -34.95 -7.75 -27.46
CA ASN C 24 -36.39 -7.94 -27.45
C ASN C 24 -37.07 -7.39 -26.21
N ILE C 25 -36.36 -6.65 -25.36
CA ILE C 25 -36.97 -6.10 -24.16
C ILE C 25 -37.70 -4.81 -24.50
N ASP C 26 -38.51 -4.34 -23.56
CA ASP C 26 -39.29 -3.12 -23.72
C ASP C 26 -38.57 -1.95 -23.08
N ARG C 27 -38.51 -0.84 -23.81
CA ARG C 27 -37.81 0.36 -23.36
C ARG C 27 -38.82 1.48 -23.12
N ILE C 28 -38.66 2.20 -22.02
CA ILE C 28 -39.49 3.37 -21.73
C ILE C 28 -38.67 4.63 -22.00
N LYS C 29 -39.36 5.77 -22.07
CA LYS C 29 -38.67 7.03 -22.31
C LYS C 29 -37.76 7.37 -21.13
N VAL C 30 -36.60 7.96 -21.42
CA VAL C 30 -35.69 8.34 -20.36
C VAL C 30 -36.32 9.41 -19.48
N SER C 31 -37.10 10.32 -20.06
CA SER C 31 -37.79 11.33 -19.25
C SER C 31 -38.74 10.67 -18.26
N LYS C 32 -39.45 9.64 -18.68
CA LYS C 32 -40.30 8.90 -17.75
C LYS C 32 -39.46 8.26 -16.64
N ALA C 33 -38.33 7.67 -17.02
CA ALA C 33 -37.43 7.10 -16.01
C ALA C 33 -36.80 8.20 -15.16
N ALA C 34 -36.44 9.32 -15.78
CA ALA C 34 -35.86 10.44 -15.03
C ALA C 34 -36.83 10.97 -14.00
N ALA C 35 -38.11 11.09 -14.37
CA ALA C 35 -39.11 11.58 -13.43
C ALA C 35 -39.26 10.64 -12.24
N ASP C 36 -39.24 9.33 -12.50
CA ASP C 36 -39.42 8.37 -11.41
C ASP C 36 -38.28 8.46 -10.40
N LEU C 37 -37.05 8.67 -10.88
CA LEU C 37 -35.94 8.85 -9.97
C LEU C 37 -36.14 10.08 -9.09
N MET C 38 -36.62 11.17 -9.67
CA MET C 38 -36.91 12.37 -8.88
C MET C 38 -37.98 12.08 -7.85
N ALA C 39 -39.03 11.37 -8.23
CA ALA C 39 -40.14 11.13 -7.30
C ALA C 39 -39.69 10.34 -6.08
N TYR C 40 -38.86 9.32 -6.28
CA TYR C 40 -38.42 8.50 -5.16
C TYR C 40 -37.55 9.30 -4.20
N CYS C 41 -36.65 10.14 -4.74
CA CYS C 41 -35.79 10.95 -3.89
C CYS C 41 -36.60 11.99 -3.13
N GLU C 42 -37.56 12.63 -3.80
CA GLU C 42 -38.38 13.65 -3.15
C GLU C 42 -39.31 13.04 -2.10
N ALA C 43 -39.81 11.82 -2.36
CA ALA C 43 -40.72 11.20 -1.41
C ALA C 43 -39.98 10.76 -0.15
N HIS C 44 -38.74 10.31 -0.28
CA HIS C 44 -37.95 9.80 0.83
C HIS C 44 -36.94 10.82 1.35
N ALA C 45 -37.05 12.08 0.94
CA ALA C 45 -36.08 13.10 1.34
C ALA C 45 -36.09 13.36 2.84
N LYS C 46 -37.19 13.07 3.52
CA LYS C 46 -37.31 13.35 4.95
C LYS C 46 -36.82 12.20 5.82
N GLU C 47 -36.40 11.08 5.23
CA GLU C 47 -35.92 9.92 5.95
C GLU C 47 -34.47 9.62 5.59
N ASP C 48 -33.71 10.66 5.27
CA ASP C 48 -32.31 10.52 4.86
C ASP C 48 -31.42 11.30 5.82
N PRO C 49 -30.87 10.67 6.86
CA PRO C 49 -30.03 11.40 7.80
C PRO C 49 -28.85 12.10 7.14
N LEU C 50 -28.19 11.47 6.17
CA LEU C 50 -27.05 12.09 5.52
C LEU C 50 -27.45 13.31 4.70
N LEU C 51 -28.57 13.25 3.99
CA LEU C 51 -29.02 14.39 3.19
C LEU C 51 -29.41 15.56 4.10
N THR C 52 -30.23 15.30 5.10
CA THR C 52 -30.66 16.31 6.06
C THR C 52 -30.10 15.96 7.43
N PRO C 53 -29.07 16.65 7.93
CA PRO C 53 -28.49 16.26 9.22
C PRO C 53 -29.52 16.29 10.33
N VAL C 54 -29.44 15.31 11.22
CA VAL C 54 -30.41 15.16 12.31
C VAL C 54 -29.81 15.77 13.58
N PRO C 55 -30.65 16.18 14.53
CA PRO C 55 -30.11 16.73 15.79
C PRO C 55 -29.29 15.67 16.54
N ALA C 56 -28.29 16.15 17.28
CA ALA C 56 -27.40 15.25 18.00
C ALA C 56 -28.14 14.38 19.01
N SER C 57 -29.34 14.78 19.43
CA SER C 57 -30.11 13.97 20.36
C SER C 57 -30.43 12.61 19.77
N GLU C 58 -30.83 12.58 18.49
CA GLU C 58 -31.22 11.35 17.81
C GLU C 58 -30.06 10.66 17.11
N ASN C 59 -28.87 11.24 17.16
CA ASN C 59 -27.73 10.67 16.44
C ASN C 59 -27.04 9.62 17.30
N PRO C 60 -26.98 8.35 16.87
CA PRO C 60 -26.29 7.34 17.67
C PRO C 60 -24.78 7.43 17.61
N PHE C 61 -24.22 8.30 16.75
CA PHE C 61 -22.78 8.42 16.61
C PHE C 61 -22.28 9.76 17.12
N GLN D 3 -19.02 2.19 -26.48
CA GLN D 3 -18.28 0.92 -26.23
C GLN D 3 -16.85 1.02 -26.75
N VAL D 4 -15.91 0.37 -26.06
CA VAL D 4 -14.52 0.38 -26.47
C VAL D 4 -14.34 -0.61 -27.61
N GLN D 5 -13.92 -0.10 -28.77
CA GLN D 5 -13.70 -0.93 -29.95
C GLN D 5 -12.45 -0.47 -30.68
N LEU D 6 -11.69 -1.43 -31.21
CA LEU D 6 -10.46 -1.15 -31.95
C LEU D 6 -10.55 -1.91 -33.28
N GLN D 7 -10.55 -1.18 -34.38
CA GLN D 7 -10.66 -1.75 -35.71
C GLN D 7 -9.35 -1.53 -36.47
N GLU D 8 -8.73 -2.61 -36.92
CA GLU D 8 -7.48 -2.55 -37.66
C GLU D 8 -7.73 -2.85 -39.13
N SER D 9 -7.20 -2.00 -40.00
CA SER D 9 -7.29 -2.18 -41.45
C SER D 9 -5.88 -2.13 -42.02
N GLY D 10 -5.32 -3.31 -42.30
CA GLY D 10 -3.94 -3.40 -42.74
C GLY D 10 -3.79 -3.79 -44.20
N GLY D 11 -3.33 -5.01 -44.43
CA GLY D 11 -3.12 -5.48 -45.78
C GLY D 11 -3.13 -6.99 -45.84
N GLY D 12 -2.80 -7.51 -47.03
CA GLY D 12 -2.82 -8.94 -47.26
C GLY D 12 -1.47 -9.52 -47.62
N LEU D 13 -1.34 -10.02 -48.84
CA LEU D 13 -0.13 -10.72 -49.29
C LEU D 13 0.84 -9.72 -49.89
N VAL D 14 2.11 -9.82 -49.49
CA VAL D 14 3.18 -8.98 -50.02
C VAL D 14 4.38 -9.86 -50.34
N GLN D 15 5.25 -9.35 -51.20
CA GLN D 15 6.47 -10.06 -51.54
C GLN D 15 7.59 -9.70 -50.57
N PRO D 16 8.59 -10.56 -50.39
CA PRO D 16 9.69 -10.23 -49.49
C PRO D 16 10.37 -8.93 -49.89
N GLY D 17 10.75 -8.15 -48.88
CA GLY D 17 11.33 -6.84 -49.12
C GLY D 17 10.32 -5.73 -49.36
N GLY D 18 9.02 -6.03 -49.29
CA GLY D 18 7.99 -5.05 -49.51
C GLY D 18 7.71 -4.22 -48.26
N SER D 19 6.71 -3.35 -48.38
CA SER D 19 6.30 -2.48 -47.29
C SER D 19 4.79 -2.53 -47.14
N LEU D 20 4.32 -2.27 -45.92
CA LEU D 20 2.89 -2.32 -45.62
C LEU D 20 2.60 -1.36 -44.47
N ARG D 21 1.41 -0.75 -44.53
CA ARG D 21 0.98 0.23 -43.54
C ARG D 21 -0.31 -0.25 -42.90
N LEU D 22 -0.31 -0.41 -41.59
CA LEU D 22 -1.48 -0.82 -40.83
C LEU D 22 -2.06 0.38 -40.10
N SER D 23 -3.38 0.48 -40.09
CA SER D 23 -4.09 1.54 -39.39
C SER D 23 -5.05 0.93 -38.36
N CYS D 24 -5.21 1.62 -37.24
CA CYS D 24 -6.09 1.19 -36.17
C CYS D 24 -6.99 2.36 -35.78
N ALA D 25 -8.25 2.31 -36.18
CA ALA D 25 -9.22 3.34 -35.85
C ALA D 25 -9.90 2.99 -34.54
N ALA D 26 -9.71 3.83 -33.53
CA ALA D 26 -10.20 3.57 -32.18
C ALA D 26 -11.35 4.50 -31.84
N SER D 27 -12.34 3.99 -31.14
CA SER D 27 -13.48 4.77 -30.68
C SER D 27 -13.97 4.21 -29.36
N GLY D 28 -14.73 5.03 -28.64
CA GLY D 28 -15.28 4.65 -27.35
C GLY D 28 -14.45 5.06 -26.16
N PHE D 29 -13.31 5.71 -26.36
CA PHE D 29 -12.48 6.20 -25.27
C PHE D 29 -11.67 7.38 -25.76
N THR D 30 -11.11 8.13 -24.82
CA THR D 30 -10.23 9.26 -25.13
C THR D 30 -8.87 8.70 -25.52
N PHE D 31 -8.60 8.68 -26.82
CA PHE D 31 -7.37 8.14 -27.37
C PHE D 31 -6.15 8.82 -26.77
N SER D 32 -6.29 10.10 -26.42
CA SER D 32 -5.14 10.89 -25.99
C SER D 32 -4.63 10.51 -24.61
N ASN D 33 -5.42 9.78 -23.82
CA ASN D 33 -5.06 9.47 -22.44
C ASN D 33 -4.43 8.10 -22.28
N TYR D 34 -4.18 7.37 -23.37
CA TYR D 34 -3.74 5.99 -23.31
C TYR D 34 -2.48 5.78 -24.14
N LYS D 35 -1.64 4.87 -23.67
CA LYS D 35 -0.51 4.36 -24.44
C LYS D 35 -0.98 3.19 -25.29
N MET D 36 -0.58 3.18 -26.55
CA MET D 36 -1.05 2.19 -27.51
C MET D 36 0.08 1.22 -27.84
N ASN D 37 -0.27 -0.06 -27.97
CA ASN D 37 0.68 -1.11 -28.31
C ASN D 37 0.28 -1.76 -29.62
N TRP D 38 1.27 -2.37 -30.27
CA TRP D 38 1.06 -3.22 -31.43
C TRP D 38 1.56 -4.62 -31.09
N VAL D 39 0.69 -5.61 -31.29
CA VAL D 39 1.03 -6.99 -30.96
C VAL D 39 0.72 -7.86 -32.16
N ARG D 40 1.34 -9.04 -32.19
CA ARG D 40 1.14 -10.00 -33.27
C ARG D 40 1.15 -11.41 -32.71
N GLN D 41 0.57 -12.33 -33.47
CA GLN D 41 0.57 -13.75 -33.13
C GLN D 41 0.99 -14.53 -34.37
N ALA D 42 2.22 -15.03 -34.37
CA ALA D 42 2.70 -15.81 -35.50
C ALA D 42 1.96 -17.14 -35.58
N PRO D 43 1.75 -17.67 -36.79
CA PRO D 43 1.06 -18.97 -36.90
C PRO D 43 1.75 -20.03 -36.08
N GLY D 44 0.95 -20.80 -35.34
CA GLY D 44 1.49 -21.82 -34.46
C GLY D 44 2.39 -21.26 -33.38
N LYS D 45 2.07 -20.07 -32.85
CA LYS D 45 2.87 -19.43 -31.83
C LYS D 45 1.98 -18.48 -31.03
N GLY D 46 2.48 -18.08 -29.87
CA GLY D 46 1.73 -17.20 -29.00
C GLY D 46 1.86 -15.73 -29.38
N LEU D 47 1.02 -14.92 -28.74
CA LEU D 47 1.04 -13.48 -28.96
C LEU D 47 2.33 -12.88 -28.41
N GLU D 48 2.91 -11.94 -29.15
CA GLU D 48 4.12 -11.24 -28.72
C GLU D 48 3.95 -9.74 -28.93
N TRP D 49 4.64 -8.97 -28.10
CA TRP D 49 4.63 -7.51 -28.19
C TRP D 49 5.61 -7.06 -29.27
N VAL D 50 5.14 -6.14 -30.12
CA VAL D 50 5.92 -5.64 -31.25
C VAL D 50 6.46 -4.23 -30.97
N SER D 51 5.58 -3.30 -30.61
CA SER D 51 5.98 -1.94 -30.34
C SER D 51 4.84 -1.23 -29.62
N ASP D 52 5.14 -0.07 -29.06
CA ASP D 52 4.13 0.76 -28.41
C ASP D 52 4.54 2.23 -28.48
N ILE D 53 3.54 3.10 -28.58
CA ILE D 53 3.74 4.54 -28.59
C ILE D 53 3.05 5.13 -27.37
N SER D 54 3.58 6.26 -26.90
CA SER D 54 3.12 6.89 -25.67
C SER D 54 2.03 7.90 -25.96
N GLN D 55 1.42 8.41 -24.88
CA GLN D 55 0.26 9.29 -25.01
C GLN D 55 0.55 10.47 -25.93
N SER D 56 1.75 11.05 -25.85
CA SER D 56 2.11 12.18 -26.69
C SER D 56 3.01 11.79 -27.86
N GLY D 57 3.45 10.53 -27.91
CA GLY D 57 4.31 10.07 -28.97
C GLY D 57 5.79 10.29 -28.75
N ALA D 58 6.17 10.91 -27.63
CA ALA D 58 7.58 11.20 -27.38
C ALA D 58 8.37 9.97 -26.97
N SER D 59 7.71 8.92 -26.48
CA SER D 59 8.38 7.71 -26.00
C SER D 59 7.96 6.53 -26.89
N ILE D 60 8.80 6.18 -27.85
CA ILE D 60 8.58 5.05 -28.73
C ILE D 60 9.41 3.87 -28.24
N SER D 61 9.02 2.67 -28.64
CA SER D 61 9.76 1.47 -28.31
C SER D 61 9.37 0.37 -29.29
N TYR D 62 10.37 -0.39 -29.74
CA TYR D 62 10.17 -1.50 -30.67
C TYR D 62 10.82 -2.75 -30.10
N THR D 63 10.40 -3.89 -30.64
CA THR D 63 11.02 -5.15 -30.27
C THR D 63 12.35 -5.33 -31.01
N GLY D 64 13.20 -6.19 -30.46
CA GLY D 64 14.55 -6.33 -31.01
C GLY D 64 14.56 -6.84 -32.44
N SER D 65 13.68 -7.80 -32.74
CA SER D 65 13.69 -8.39 -34.07
C SER D 65 13.22 -7.42 -35.15
N VAL D 66 12.21 -6.59 -34.84
CA VAL D 66 11.64 -5.67 -35.82
C VAL D 66 12.25 -4.28 -35.74
N LYS D 67 13.20 -4.06 -34.83
CA LYS D 67 13.78 -2.74 -34.66
C LYS D 67 14.45 -2.29 -35.95
N GLY D 68 14.22 -1.03 -36.34
CA GLY D 68 14.82 -0.44 -37.51
C GLY D 68 14.01 -0.56 -38.78
N ARG D 69 13.04 -1.47 -38.83
CA ARG D 69 12.18 -1.65 -40.00
C ARG D 69 10.75 -1.19 -39.77
N PHE D 70 10.20 -1.42 -38.58
CA PHE D 70 8.85 -1.00 -38.25
C PHE D 70 8.89 0.35 -37.55
N THR D 71 7.85 1.15 -37.82
CA THR D 71 7.70 2.47 -37.21
C THR D 71 6.28 2.60 -36.68
N ILE D 72 6.13 3.18 -35.49
CA ILE D 72 4.84 3.35 -34.85
C ILE D 72 4.60 4.84 -34.64
N SER D 73 3.42 5.31 -35.05
CA SER D 73 3.03 6.70 -34.88
C SER D 73 1.52 6.77 -34.67
N ARG D 74 1.07 7.86 -34.05
CA ARG D 74 -0.34 8.07 -33.76
C ARG D 74 -0.73 9.49 -34.13
N ASP D 75 -2.01 9.68 -34.42
CA ASP D 75 -2.60 11.00 -34.69
C ASP D 75 -3.76 11.18 -33.73
N ASN D 76 -3.47 11.80 -32.57
CA ASN D 76 -4.47 11.93 -31.52
C ASN D 76 -5.70 12.70 -31.96
N ALA D 77 -5.57 13.63 -32.91
CA ALA D 77 -6.72 14.40 -33.36
C ALA D 77 -7.75 13.50 -34.04
N LYS D 78 -7.29 12.55 -34.87
CA LYS D 78 -8.17 11.68 -35.61
C LYS D 78 -8.39 10.33 -34.92
N ASN D 79 -7.77 10.10 -33.78
CA ASN D 79 -7.95 8.87 -33.01
C ASN D 79 -7.58 7.65 -33.87
N THR D 80 -6.34 7.62 -34.33
CA THR D 80 -5.85 6.55 -35.19
C THR D 80 -4.42 6.21 -34.82
N LEU D 81 -4.05 4.95 -35.03
CA LEU D 81 -2.71 4.43 -34.74
C LEU D 81 -2.16 3.77 -35.98
N TYR D 82 -0.86 3.96 -36.23
CA TYR D 82 -0.21 3.50 -37.45
C TYR D 82 0.97 2.59 -37.12
N LEU D 83 1.30 1.72 -38.07
CA LEU D 83 2.49 0.88 -38.00
C LEU D 83 3.02 0.69 -39.42
N GLN D 84 4.09 1.39 -39.75
CA GLN D 84 4.70 1.32 -41.06
C GLN D 84 5.79 0.25 -41.06
N MET D 85 5.59 -0.80 -41.86
CA MET D 85 6.51 -1.93 -41.92
C MET D 85 7.22 -1.93 -43.26
N ASN D 86 8.54 -2.01 -43.23
CA ASN D 86 9.36 -2.02 -44.42
C ASN D 86 10.31 -3.21 -44.39
N SER D 87 10.69 -3.67 -45.58
CA SER D 87 11.62 -4.80 -45.73
C SER D 87 11.12 -6.01 -44.95
N LEU D 88 9.90 -6.43 -45.27
CA LEU D 88 9.27 -7.53 -44.55
C LEU D 88 9.99 -8.84 -44.84
N LYS D 89 10.17 -9.64 -43.80
CA LYS D 89 10.85 -10.92 -43.86
C LYS D 89 9.84 -12.05 -43.77
N PRO D 90 10.23 -13.27 -44.19
CA PRO D 90 9.29 -14.40 -44.09
C PRO D 90 8.81 -14.67 -42.67
N GLU D 91 9.60 -14.36 -41.66
CA GLU D 91 9.20 -14.54 -40.28
C GLU D 91 8.15 -13.53 -39.82
N ASP D 92 7.89 -12.49 -40.62
CA ASP D 92 6.97 -11.43 -40.22
C ASP D 92 5.51 -11.76 -40.52
N THR D 93 5.23 -12.92 -41.12
CA THR D 93 3.85 -13.27 -41.42
C THR D 93 3.11 -13.63 -40.13
N ALA D 94 2.05 -12.86 -39.82
CA ALA D 94 1.27 -13.09 -38.62
C ALA D 94 0.02 -12.24 -38.63
N VAL D 95 -0.76 -12.32 -37.54
CA VAL D 95 -1.95 -11.49 -37.36
C VAL D 95 -1.59 -10.39 -36.37
N TYR D 96 -1.74 -9.14 -36.80
CA TYR D 96 -1.33 -7.98 -36.02
C TYR D 96 -2.55 -7.35 -35.36
N TYR D 97 -2.50 -7.17 -34.05
CA TYR D 97 -3.60 -6.60 -33.28
C TYR D 97 -3.18 -5.27 -32.68
N CYS D 98 -4.07 -4.29 -32.73
CA CYS D 98 -3.86 -3.00 -32.10
C CYS D 98 -4.50 -3.01 -30.72
N ALA D 99 -3.66 -2.95 -29.68
CA ALA D 99 -4.10 -3.13 -28.31
C ALA D 99 -3.88 -1.85 -27.50
N ARG D 100 -4.73 -1.65 -26.50
CA ARG D 100 -4.70 -0.45 -25.67
C ARG D 100 -4.35 -0.83 -24.24
N CYS D 101 -3.61 0.06 -23.58
CA CYS D 101 -3.23 -0.18 -22.20
C CYS D 101 -4.45 -0.14 -21.30
N PRO D 102 -4.50 -0.94 -20.24
CA PRO D 102 -5.75 -1.08 -19.47
C PRO D 102 -6.30 0.22 -18.90
N ALA D 103 -5.44 1.11 -18.40
CA ALA D 103 -5.86 2.31 -17.71
C ALA D 103 -5.16 3.54 -18.27
N PRO D 104 -5.78 4.71 -18.15
CA PRO D 104 -5.17 5.94 -18.67
C PRO D 104 -4.13 6.52 -17.71
N PHE D 105 -3.27 7.36 -18.27
CA PHE D 105 -2.26 8.09 -17.51
C PHE D 105 -1.34 7.14 -16.75
N THR D 106 -1.04 5.99 -17.34
CA THR D 106 -0.12 5.02 -16.76
C THR D 106 0.98 4.69 -17.75
N ARG D 107 2.14 4.30 -17.21
CA ARG D 107 3.27 3.86 -18.02
C ARG D 107 3.38 2.35 -18.10
N ASP D 108 2.98 1.63 -17.06
CA ASP D 108 2.92 0.18 -17.13
C ASP D 108 1.64 -0.26 -17.83
N CYS D 109 1.75 -1.33 -18.62
CA CYS D 109 0.62 -1.89 -19.38
C CYS D 109 0.63 -3.41 -19.19
N PHE D 110 -0.09 -3.86 -18.16
CA PHE D 110 -0.18 -5.29 -17.88
C PHE D 110 -1.17 -5.96 -18.83
N ASP D 111 -0.93 -7.25 -19.07
CA ASP D 111 -1.90 -8.17 -19.65
C ASP D 111 -2.29 -7.83 -21.08
N VAL D 112 -1.49 -7.06 -21.81
CA VAL D 112 -1.82 -6.74 -23.20
C VAL D 112 -1.49 -7.88 -24.15
N THR D 113 -0.65 -8.83 -23.74
CA THR D 113 -0.31 -10.00 -24.55
C THR D 113 -1.04 -11.25 -24.08
N SER D 114 -2.04 -11.11 -23.22
CA SER D 114 -2.79 -12.26 -22.73
C SER D 114 -3.66 -12.85 -23.82
N THR D 115 -4.02 -14.13 -23.66
CA THR D 115 -4.78 -14.83 -24.69
C THR D 115 -6.11 -14.14 -24.93
N THR D 116 -6.75 -13.63 -23.89
CA THR D 116 -8.02 -12.91 -23.99
C THR D 116 -7.87 -11.58 -23.29
N TYR D 117 -7.90 -10.50 -24.06
CA TYR D 117 -7.74 -9.15 -23.53
C TYR D 117 -8.86 -8.28 -24.09
N ALA D 118 -9.61 -7.63 -23.19
CA ALA D 118 -10.79 -6.88 -23.61
C ALA D 118 -10.43 -5.74 -24.55
N TYR D 119 -9.38 -5.00 -24.23
CA TYR D 119 -8.99 -3.81 -24.99
C TYR D 119 -8.00 -4.13 -26.10
N ARG D 120 -8.35 -5.08 -26.97
CA ARG D 120 -7.53 -5.45 -28.11
C ARG D 120 -8.45 -5.67 -29.31
N GLY D 121 -7.93 -5.33 -30.50
CA GLY D 121 -8.71 -5.42 -31.70
C GLY D 121 -8.85 -6.84 -32.23
N GLN D 122 -9.60 -6.95 -33.33
CA GLN D 122 -9.79 -8.26 -33.95
C GLN D 122 -8.51 -8.74 -34.64
N GLY D 123 -7.73 -7.83 -35.19
CA GLY D 123 -6.47 -8.15 -35.82
C GLY D 123 -6.59 -8.27 -37.32
N THR D 124 -5.50 -7.95 -38.00
CA THR D 124 -5.41 -8.03 -39.46
C THR D 124 -4.27 -8.96 -39.84
N GLN D 125 -4.50 -9.80 -40.84
CA GLN D 125 -3.53 -10.79 -41.26
C GLN D 125 -2.54 -10.19 -42.24
N VAL D 126 -1.25 -10.31 -41.93
CA VAL D 126 -0.18 -9.89 -42.81
C VAL D 126 0.57 -11.15 -43.26
N THR D 127 0.58 -11.40 -44.56
CA THR D 127 1.22 -12.57 -45.13
C THR D 127 2.29 -12.12 -46.11
N VAL D 128 3.48 -12.72 -46.02
CA VAL D 128 4.59 -12.43 -46.90
C VAL D 128 5.13 -13.74 -47.45
N SER D 129 5.11 -13.88 -48.78
CA SER D 129 5.58 -15.09 -49.43
C SER D 129 5.86 -14.77 -50.90
N SER D 130 6.53 -15.72 -51.56
CA SER D 130 6.86 -15.56 -52.98
C SER D 130 5.73 -16.07 -53.85
N GLN E 52 25.67 42.12 38.36
CA GLN E 52 24.49 42.05 37.44
C GLN E 52 23.75 40.73 37.61
N LEU E 53 23.20 40.51 38.80
CA LEU E 53 22.50 39.26 39.08
C LEU E 53 21.12 39.23 38.43
N MET E 54 20.46 40.37 38.29
CA MET E 54 19.11 40.38 37.72
C MET E 54 19.09 39.91 36.27
N PRO E 55 19.94 40.41 35.37
CA PRO E 55 19.93 39.88 34.00
C PRO E 55 20.23 38.39 33.93
N LEU E 56 21.17 37.91 34.77
CA LEU E 56 21.47 36.49 34.78
C LEU E 56 20.25 35.68 35.24
N VAL E 57 19.56 36.16 36.28
CA VAL E 57 18.36 35.47 36.73
C VAL E 57 17.32 35.44 35.63
N VAL E 58 17.15 36.56 34.92
CA VAL E 58 16.17 36.61 33.84
C VAL E 58 16.52 35.59 32.77
N VAL E 59 17.78 35.55 32.35
CA VAL E 59 18.19 34.64 31.28
C VAL E 59 18.01 33.19 31.71
N LEU E 60 18.43 32.86 32.93
CA LEU E 60 18.32 31.48 33.40
C LEU E 60 16.85 31.07 33.57
N SER E 61 16.00 31.98 34.05
CA SER E 61 14.57 31.67 34.13
C SER E 61 13.98 31.44 32.75
N THR E 62 14.39 32.25 31.76
CA THR E 62 13.92 32.04 30.40
C THR E 62 14.34 30.67 29.88
N ILE E 63 15.59 30.28 30.12
CA ILE E 63 16.07 28.98 29.66
C ILE E 63 15.29 27.86 30.35
N CYS E 64 15.05 28.00 31.66
CA CYS E 64 14.30 26.98 32.39
C CYS E 64 12.89 26.85 31.84
N LEU E 65 12.23 27.98 31.58
CA LEU E 65 10.88 27.94 31.03
C LEU E 65 10.87 27.30 29.65
N VAL E 66 11.86 27.62 28.82
CA VAL E 66 11.94 27.00 27.50
C VAL E 66 12.11 25.49 27.62
N THR E 67 13.00 25.05 28.51
CA THR E 67 13.19 23.62 28.71
C THR E 67 11.89 22.94 29.12
N VAL E 68 11.22 23.49 30.13
CA VAL E 68 9.98 22.89 30.62
C VAL E 68 8.93 22.84 29.52
N GLY E 69 8.79 23.95 28.79
CA GLY E 69 7.78 24.00 27.75
C GLY E 69 8.04 22.99 26.64
N LEU E 70 9.29 22.92 26.17
CA LEU E 70 9.60 21.97 25.10
C LEU E 70 9.39 20.54 25.55
N ASN E 71 9.82 20.20 26.77
CA ASN E 71 9.64 18.83 27.23
C ASN E 71 8.16 18.48 27.40
N LEU E 72 7.38 19.41 27.95
CA LEU E 72 5.95 19.17 28.08
C LEU E 72 5.30 19.01 26.71
N LEU E 73 5.71 19.83 25.75
CA LEU E 73 5.15 19.72 24.40
C LEU E 73 5.48 18.36 23.78
N VAL E 74 6.72 17.90 23.94
CA VAL E 74 7.10 16.60 23.38
C VAL E 74 6.28 15.49 24.01
N LEU E 75 6.15 15.52 25.35
CA LEU E 75 5.40 14.47 26.03
C LEU E 75 3.93 14.49 25.62
N TYR E 76 3.33 15.67 25.51
CA TYR E 76 1.94 15.76 25.10
C TYR E 76 1.76 15.26 23.66
N ALA E 77 2.68 15.62 22.77
CA ALA E 77 2.59 15.14 21.39
C ALA E 77 2.68 13.63 21.34
N VAL E 78 3.57 13.03 22.13
CA VAL E 78 3.65 11.57 22.18
C VAL E 78 2.34 10.99 22.69
N ARG E 79 1.77 11.58 23.73
CA ARG E 79 0.55 11.03 24.32
C ARG E 79 -0.62 11.11 23.35
N SER E 80 -0.72 12.20 22.60
CA SER E 80 -1.94 12.50 21.86
C SER E 80 -1.98 11.87 20.46
N GLU E 81 -0.86 11.93 19.72
CA GLU E 81 -0.91 11.60 18.30
C GLU E 81 -1.40 10.18 18.07
N ARG E 82 -0.86 9.22 18.81
CA ARG E 82 -1.21 7.80 18.66
C ARG E 82 -0.58 7.20 17.41
N LYS E 83 0.04 8.03 16.56
CA LYS E 83 0.91 7.55 15.50
C LYS E 83 2.36 7.52 15.93
N LEU E 84 2.66 8.03 17.12
CA LEU E 84 4.01 8.05 17.67
C LEU E 84 4.24 6.95 18.69
N HIS E 85 3.29 6.03 18.86
CA HIS E 85 3.41 4.96 19.84
C HIS E 85 4.23 3.81 19.24
N THR E 86 5.49 4.10 19.01
CA THR E 86 6.45 3.14 18.47
C THR E 86 7.40 2.70 19.58
N VAL E 87 8.38 1.87 19.19
CA VAL E 87 9.40 1.42 20.13
C VAL E 87 10.63 2.33 20.13
N GLY E 88 10.86 3.08 19.06
CA GLY E 88 11.97 4.00 19.02
C GLY E 88 11.66 5.34 19.65
N ASN E 89 10.39 5.54 20.04
CA ASN E 89 9.96 6.78 20.65
C ASN E 89 9.87 6.70 22.17
N LEU E 90 9.90 5.50 22.75
CA LEU E 90 9.95 5.38 24.20
C LEU E 90 11.25 5.96 24.75
N TYR E 91 12.35 5.79 24.00
CA TYR E 91 13.62 6.40 24.40
C TYR E 91 13.51 7.92 24.42
N ILE E 92 12.83 8.49 23.42
CA ILE E 92 12.61 9.93 23.41
C ILE E 92 11.73 10.34 24.57
N VAL E 93 10.77 9.50 24.95
CA VAL E 93 9.93 9.80 26.10
C VAL E 93 10.76 9.85 27.37
N SER E 94 11.65 8.88 27.55
CA SER E 94 12.52 8.88 28.73
C SER E 94 13.43 10.10 28.73
N LEU E 95 13.99 10.45 27.57
CA LEU E 95 14.85 11.62 27.48
C LEU E 95 14.09 12.88 27.86
N SER E 96 12.86 13.01 27.35
CA SER E 96 12.05 14.18 27.68
C SER E 96 11.70 14.23 29.16
N VAL E 97 11.42 13.08 29.76
CA VAL E 97 11.13 13.04 31.19
C VAL E 97 12.35 13.51 31.99
N ALA E 98 13.54 13.01 31.63
CA ALA E 98 14.74 13.42 32.35
C ALA E 98 15.00 14.91 32.19
N ASP E 99 14.85 15.43 30.97
CA ASP E 99 15.08 16.85 30.75
C ASP E 99 14.05 17.70 31.48
N LEU E 100 12.80 17.24 31.55
CA LEU E 100 11.77 17.96 32.29
C LEU E 100 12.10 17.98 33.78
N ILE E 101 12.55 16.86 34.33
CA ILE E 101 12.94 16.84 35.74
C ILE E 101 14.09 17.81 35.98
N VAL E 102 15.04 17.86 35.03
CA VAL E 102 16.15 18.82 35.16
C VAL E 102 15.61 20.24 35.17
N GLY E 103 14.70 20.56 34.25
CA GLY E 103 14.22 21.92 34.08
C GLY E 103 13.11 22.34 35.02
N ALA E 104 12.62 21.45 35.87
CA ALA E 104 11.53 21.76 36.78
C ALA E 104 11.96 21.82 38.24
N VAL E 105 12.95 21.02 38.64
CA VAL E 105 13.39 20.95 40.02
C VAL E 105 14.81 21.46 40.21
N VAL E 106 15.69 21.19 39.25
CA VAL E 106 17.10 21.49 39.40
C VAL E 106 17.42 22.93 39.03
N MET E 107 16.99 23.37 37.85
CA MET E 107 17.32 24.71 37.39
C MET E 107 16.72 25.80 38.27
N PRO E 108 15.44 25.74 38.68
CA PRO E 108 14.93 26.80 39.57
C PRO E 108 15.70 26.91 40.87
N MET E 109 16.05 25.78 41.49
CA MET E 109 16.81 25.84 42.74
C MET E 109 18.24 26.32 42.51
N ASN E 110 18.83 25.98 41.36
CA ASN E 110 20.15 26.52 41.03
C ASN E 110 20.10 28.03 40.88
N ILE E 111 19.05 28.55 40.22
CA ILE E 111 18.92 29.98 40.04
C ILE E 111 18.71 30.66 41.39
N LEU E 112 17.91 30.06 42.26
CA LEU E 112 17.73 30.61 43.61
C LEU E 112 19.05 30.63 44.37
N TYR E 113 19.82 29.55 44.27
CA TYR E 113 21.12 29.49 44.93
C TYR E 113 22.04 30.59 44.43
N LEU E 114 22.06 30.82 43.12
CA LEU E 114 22.88 31.89 42.57
C LEU E 114 22.40 33.26 43.06
N LEU E 115 21.09 33.48 43.06
CA LEU E 115 20.55 34.77 43.46
C LEU E 115 20.87 35.08 44.92
N MET E 116 20.70 34.11 45.80
CA MET E 116 20.95 34.33 47.22
C MET E 116 22.43 34.28 47.59
N SER E 117 23.30 33.88 46.65
CA SER E 117 24.74 33.73 46.90
C SER E 117 25.03 32.69 47.96
N LYS E 118 24.04 31.89 48.35
CA LYS E 118 24.22 30.87 49.38
C LYS E 118 22.96 30.00 49.38
N TRP E 119 23.02 28.91 50.12
CA TRP E 119 21.90 27.97 50.22
C TRP E 119 21.06 28.36 51.43
N SER E 120 19.88 28.94 51.17
CA SER E 120 18.96 29.34 52.22
C SER E 120 17.91 28.27 52.53
N LEU E 121 17.85 27.19 51.75
CA LEU E 121 16.83 26.18 51.92
C LEU E 121 17.20 25.12 52.97
N GLY E 122 18.45 25.09 53.43
CA GLY E 122 18.85 24.17 54.47
C GLY E 122 19.42 22.87 53.93
N ARG E 123 19.97 22.08 54.85
CA ARG E 123 20.61 20.82 54.48
C ARG E 123 19.67 19.84 53.79
N PRO E 124 18.44 19.59 54.28
CA PRO E 124 17.58 18.60 53.63
C PRO E 124 17.33 18.90 52.16
N LEU E 125 16.93 20.14 51.87
CA LEU E 125 16.67 20.52 50.49
C LEU E 125 17.97 20.59 49.69
N CYS E 126 19.09 20.91 50.34
CA CYS E 126 20.39 20.83 49.66
C CYS E 126 20.63 19.43 49.13
N LEU E 127 20.50 18.42 50.01
CA LEU E 127 20.71 17.05 49.59
C LEU E 127 19.70 16.63 48.53
N PHE E 128 18.44 17.03 48.69
CA PHE E 128 17.42 16.66 47.72
C PHE E 128 17.75 17.22 46.34
N TRP E 129 18.15 18.49 46.29
CA TRP E 129 18.44 19.13 45.00
C TRP E 129 19.68 18.51 44.37
N LEU E 130 20.72 18.25 45.16
CA LEU E 130 21.91 17.61 44.62
C LEU E 130 21.58 16.25 44.04
N SER E 131 20.80 15.45 44.78
CA SER E 131 20.43 14.12 44.31
C SER E 131 19.61 14.20 43.03
N MET E 132 18.64 15.12 42.98
CA MET E 132 17.83 15.27 41.77
C MET E 132 18.69 15.66 40.59
N ASP E 133 19.62 16.60 40.78
CA ASP E 133 20.50 17.03 39.70
C ASP E 133 21.31 15.85 39.16
N TYR E 134 21.99 15.13 40.06
CA TYR E 134 22.82 14.03 39.61
C TYR E 134 22.00 12.96 38.90
N VAL E 135 20.88 12.57 39.50
CA VAL E 135 20.06 11.50 38.94
C VAL E 135 19.53 11.90 37.58
N ALA E 136 19.02 13.12 37.45
CA ALA E 136 18.43 13.54 36.19
C ALA E 136 19.48 13.65 35.09
N SER E 137 20.67 14.18 35.41
CA SER E 137 21.70 14.30 34.39
C SER E 137 22.17 12.92 33.93
N THR E 138 22.39 11.99 34.88
CA THR E 138 22.78 10.65 34.49
C THR E 138 21.68 9.97 33.67
N ALA E 139 20.42 10.22 34.03
CA ALA E 139 19.30 9.67 33.26
C ALA E 139 19.32 10.19 31.83
N SER E 140 19.57 11.48 31.65
CA SER E 140 19.64 12.04 30.30
C SER E 140 20.77 11.39 29.51
N ILE E 141 21.95 11.28 30.11
CA ILE E 141 23.09 10.70 29.38
C ILE E 141 22.80 9.25 29.00
N PHE E 142 22.27 8.48 29.93
CA PHE E 142 22.00 7.07 29.66
C PHE E 142 20.86 6.89 28.67
N SER E 143 19.87 7.79 28.69
CA SER E 143 18.81 7.75 27.68
C SER E 143 19.39 7.98 26.29
N VAL E 144 20.28 8.96 26.16
CA VAL E 144 20.92 9.19 24.87
C VAL E 144 21.71 7.95 24.44
N PHE E 145 22.42 7.34 25.39
CA PHE E 145 23.22 6.16 25.05
C PHE E 145 22.34 5.00 24.59
N ILE E 146 21.24 4.73 25.28
CA ILE E 146 20.38 3.62 24.89
C ILE E 146 19.70 3.90 23.56
N LEU E 147 19.34 5.16 23.30
CA LEU E 147 18.79 5.50 21.98
C LEU E 147 19.82 5.26 20.89
N CYS E 148 21.09 5.62 21.15
CA CYS E 148 22.14 5.36 20.18
C CYS E 148 22.30 3.87 19.91
N ILE E 149 22.26 3.05 20.97
CA ILE E 149 22.41 1.61 20.79
C ILE E 149 21.22 1.05 20.01
N ASP E 150 20.02 1.57 20.29
CA ASP E 150 18.84 1.13 19.54
C ASP E 150 19.02 1.41 18.05
N ARG E 151 19.44 2.64 17.71
CA ARG E 151 19.63 2.97 16.30
C ARG E 151 20.74 2.13 15.68
N TYR E 152 21.83 1.89 16.42
CA TYR E 152 22.92 1.09 15.90
C TYR E 152 22.47 -0.34 15.58
N ARG E 153 21.74 -0.96 16.50
CA ARG E 153 21.23 -2.31 16.27
C ARG E 153 20.21 -2.32 15.14
N SER E 154 19.44 -1.24 14.98
CA SER E 154 18.53 -1.15 13.85
C SER E 154 19.28 -1.13 12.53
N VAL E 155 20.39 -0.40 12.47
CA VAL E 155 21.10 -0.21 11.21
C VAL E 155 22.00 -1.40 10.87
N GLN E 156 22.62 -2.04 11.86
CA GLN E 156 23.59 -3.09 11.58
C GLN E 156 23.00 -4.50 11.58
N GLN E 157 21.85 -4.70 12.23
CA GLN E 157 21.18 -6.00 12.27
C GLN E 157 19.72 -5.79 11.94
N PRO E 158 19.41 -5.36 10.70
CA PRO E 158 18.03 -4.99 10.39
C PRO E 158 17.03 -6.11 10.59
N LEU E 159 17.39 -7.34 10.22
CA LEU E 159 16.47 -8.47 10.27
C LEU E 159 16.48 -9.19 11.61
N ARG E 160 17.63 -9.29 12.26
CA ARG E 160 17.73 -9.94 13.55
C ARG E 160 17.23 -9.06 14.69
N TYR E 161 17.16 -7.75 14.49
CA TYR E 161 16.62 -6.84 15.48
C TYR E 161 15.12 -6.67 15.37
N LEU E 162 14.54 -6.87 14.18
CA LEU E 162 13.09 -6.83 14.05
C LEU E 162 12.42 -7.90 14.90
N LYS E 163 13.16 -8.94 15.27
CA LYS E 163 12.64 -10.01 16.11
C LYS E 163 12.71 -9.68 17.60
N TYR E 164 13.61 -8.80 18.01
CA TYR E 164 13.82 -8.46 19.41
C TYR E 164 13.76 -6.95 19.61
N ARG E 165 12.82 -6.28 18.94
CA ARG E 165 12.58 -4.85 19.11
C ARG E 165 11.21 -4.61 19.71
N THR E 166 10.81 -5.49 20.64
CA THR E 166 9.50 -5.37 21.27
C THR E 166 9.50 -4.23 22.28
N LYS E 167 8.29 -3.73 22.56
CA LYS E 167 8.15 -2.65 23.54
C LYS E 167 8.61 -3.09 24.92
N THR E 168 8.46 -4.38 25.25
CA THR E 168 8.86 -4.86 26.56
C THR E 168 10.36 -4.67 26.79
N ARG E 169 11.17 -5.02 25.79
CA ARG E 169 12.62 -4.88 25.93
C ARG E 169 13.03 -3.42 26.01
N ALA E 170 12.39 -2.55 25.24
CA ALA E 170 12.69 -1.12 25.33
C ALA E 170 12.34 -0.58 26.72
N SER E 171 11.19 -0.98 27.25
CA SER E 171 10.82 -0.55 28.59
C SER E 171 11.81 -1.06 29.63
N ALA E 172 12.23 -2.31 29.50
CA ALA E 172 13.22 -2.86 30.43
C ALA E 172 14.54 -2.10 30.33
N THR E 173 14.97 -1.77 29.12
CA THR E 173 16.21 -1.01 28.95
C THR E 173 16.10 0.36 29.60
N ILE E 174 14.97 1.05 29.40
CA ILE E 174 14.79 2.36 30.01
C ILE E 174 14.80 2.24 31.53
N LEU E 175 14.12 1.22 32.07
CA LEU E 175 14.09 1.02 33.52
C LEU E 175 15.49 0.75 34.06
N GLY E 176 16.28 -0.06 33.35
CA GLY E 176 17.64 -0.32 33.79
C GLY E 176 18.51 0.92 33.77
N ALA E 177 18.38 1.73 32.71
CA ALA E 177 19.13 2.98 32.65
C ALA E 177 18.76 3.90 33.81
N TRP E 178 17.45 4.01 34.09
CA TRP E 178 17.03 4.88 35.18
C TRP E 178 17.43 4.32 36.54
N PHE E 179 17.49 3.00 36.69
CA PHE E 179 18.00 2.41 37.92
C PHE E 179 19.47 2.73 38.12
N LEU E 180 20.26 2.61 37.06
CA LEU E 180 21.68 2.97 37.15
C LEU E 180 21.84 4.44 37.49
N SER E 181 21.00 5.30 36.91
CA SER E 181 21.04 6.71 37.26
C SER E 181 20.66 6.94 38.72
N PHE E 182 19.64 6.22 39.20
CA PHE E 182 19.19 6.37 40.58
C PHE E 182 20.25 5.90 41.57
N LEU E 183 21.14 4.99 41.14
CA LEU E 183 22.22 4.58 42.02
C LEU E 183 23.10 5.74 42.46
N TRP E 184 22.91 6.94 41.91
CA TRP E 184 23.63 8.12 42.35
C TRP E 184 23.18 8.61 43.73
N VAL E 185 22.07 8.07 44.26
CA VAL E 185 21.55 8.55 45.52
C VAL E 185 22.31 7.94 46.70
N ILE E 186 22.92 6.77 46.52
CA ILE E 186 23.61 6.13 47.63
C ILE E 186 24.75 6.98 48.16
N PRO E 187 25.68 7.48 47.34
CA PRO E 187 26.80 8.24 47.91
C PRO E 187 26.41 9.61 48.43
N ILE E 188 25.51 10.31 47.74
CA ILE E 188 25.16 11.66 48.14
C ILE E 188 24.52 11.68 49.52
N LEU E 189 23.90 10.57 49.92
CA LEU E 189 23.20 10.49 51.19
C LEU E 189 23.91 9.61 52.22
N GLY E 190 24.87 8.79 51.82
CA GLY E 190 25.53 7.90 52.75
C GLY E 190 27.03 7.82 52.60
N TRP E 191 27.65 8.90 52.13
CA TRP E 191 29.11 8.91 51.99
C TRP E 191 29.79 8.86 53.35
N ASN E 192 29.30 9.63 54.32
CA ASN E 192 29.93 9.67 55.63
C ASN E 192 29.87 8.32 56.32
N HIS E 193 28.71 7.66 56.26
CA HIS E 193 28.57 6.36 56.91
C HIS E 193 29.49 5.33 56.29
N PHE E 194 29.59 5.32 54.96
CA PHE E 194 30.42 4.35 54.26
C PHE E 194 31.80 4.94 53.96
N ARG E 201 32.98 21.85 55.39
CA ARG E 201 31.62 21.93 54.86
C ARG E 201 30.96 23.23 55.31
N ARG E 202 31.00 24.25 54.46
CA ARG E 202 30.36 25.51 54.77
C ARG E 202 28.84 25.34 54.76
N GLU E 203 28.17 26.02 55.68
CA GLU E 203 26.72 25.94 55.77
C GLU E 203 26.02 26.84 54.75
N ASP E 204 26.76 27.69 54.04
CA ASP E 204 26.19 28.58 53.03
C ASP E 204 26.40 28.05 51.61
N LYS E 205 26.87 26.81 51.47
CA LYS E 205 27.13 26.23 50.17
C LYS E 205 26.55 24.84 50.10
N CYS E 206 26.07 24.47 48.91
CA CYS E 206 25.49 23.15 48.65
C CYS E 206 26.46 22.37 47.78
N GLU E 207 27.08 21.35 48.36
CA GLU E 207 28.03 20.52 47.61
C GLU E 207 28.09 19.14 48.26
N THR E 208 28.47 18.15 47.47
CA THR E 208 28.54 16.78 47.94
C THR E 208 29.76 16.57 48.83
N ASP E 209 29.77 15.43 49.52
CA ASP E 209 30.83 15.08 50.46
C ASP E 209 31.97 14.31 49.80
N PHE E 210 31.91 14.09 48.49
CA PHE E 210 32.94 13.34 47.78
C PHE E 210 33.52 14.15 46.64
N TYR E 211 33.48 15.48 46.75
CA TYR E 211 33.91 16.36 45.67
C TYR E 211 35.42 16.51 45.59
N ASP E 212 36.18 15.83 46.46
CA ASP E 212 37.63 15.89 46.43
C ASP E 212 38.25 14.51 46.63
N VAL E 213 37.60 13.46 46.13
CA VAL E 213 38.11 12.10 46.19
C VAL E 213 38.56 11.71 44.79
N THR E 214 39.86 11.53 44.61
CA THR E 214 40.41 11.35 43.26
C THR E 214 39.90 10.06 42.63
N TRP E 215 40.03 8.93 43.33
CA TRP E 215 39.65 7.65 42.74
C TRP E 215 38.17 7.60 42.41
N PHE E 216 37.33 8.02 43.36
CA PHE E 216 35.89 7.96 43.15
C PHE E 216 35.46 8.89 42.02
N LYS E 217 35.99 10.11 42.00
CA LYS E 217 35.63 11.05 40.95
C LYS E 217 36.08 10.55 39.59
N VAL E 218 37.29 9.99 39.50
CA VAL E 218 37.77 9.47 38.23
C VAL E 218 36.88 8.33 37.75
N MET E 219 36.57 7.39 38.64
CA MET E 219 35.73 6.26 38.25
C MET E 219 34.36 6.74 37.79
N THR E 220 33.75 7.67 38.52
CA THR E 220 32.44 8.16 38.14
C THR E 220 32.50 8.90 36.80
N ALA E 221 33.53 9.73 36.60
CA ALA E 221 33.64 10.46 35.35
C ALA E 221 33.79 9.52 34.16
N ILE E 222 34.55 8.44 34.33
CA ILE E 222 34.72 7.48 33.23
C ILE E 222 33.43 6.70 32.99
N ILE E 223 32.91 6.06 34.04
CA ILE E 223 31.72 5.23 33.91
C ILE E 223 30.49 6.03 33.49
N ASN E 224 30.47 7.33 33.77
CA ASN E 224 29.30 8.15 33.52
C ASN E 224 29.36 8.90 32.19
N PHE E 225 30.54 9.37 31.78
CA PHE E 225 30.67 10.16 30.56
C PHE E 225 31.56 9.51 29.51
N TYR E 226 32.81 9.17 29.86
CA TYR E 226 33.81 8.88 28.84
C TYR E 226 33.53 7.56 28.13
N LEU E 227 33.22 6.51 28.88
CA LEU E 227 32.91 5.23 28.24
C LEU E 227 31.67 5.33 27.36
N PRO E 228 30.56 5.90 27.81
CA PRO E 228 29.45 6.14 26.87
C PRO E 228 29.84 6.97 25.67
N THR E 229 30.70 7.99 25.86
CA THR E 229 31.08 8.84 24.73
C THR E 229 31.85 8.05 23.69
N LEU E 230 32.83 7.24 24.12
CA LEU E 230 33.60 6.45 23.17
C LEU E 230 32.73 5.40 22.49
N LEU E 231 31.86 4.73 23.24
CA LEU E 231 30.98 3.74 22.64
C LEU E 231 30.05 4.38 21.62
N MET E 232 29.50 5.56 21.94
CA MET E 232 28.64 6.25 21.01
C MET E 232 29.41 6.67 19.76
N LEU E 233 30.64 7.14 19.94
CA LEU E 233 31.45 7.50 18.78
C LEU E 233 31.66 6.29 17.87
N TRP E 234 31.98 5.13 18.46
CA TRP E 234 32.19 3.93 17.66
C TRP E 234 30.91 3.53 16.93
N PHE E 235 29.78 3.50 17.65
CA PHE E 235 28.53 3.06 17.05
C PHE E 235 28.10 3.99 15.92
N TYR E 236 28.22 5.30 16.13
CA TYR E 236 27.83 6.23 15.08
C TYR E 236 28.82 6.25 13.92
N ALA E 237 30.10 5.93 14.18
CA ALA E 237 31.02 5.75 13.07
C ALA E 237 30.64 4.54 12.23
N LYS E 238 30.22 3.45 12.87
CA LYS E 238 29.76 2.29 12.13
C LYS E 238 28.50 2.63 11.33
N ILE E 239 27.57 3.38 11.92
CA ILE E 239 26.37 3.79 11.21
C ILE E 239 26.74 4.66 10.02
N TYR E 240 27.70 5.57 10.20
CA TYR E 240 28.14 6.41 9.09
C TYR E 240 28.78 5.59 7.99
N LYS E 241 29.55 4.56 8.37
CA LYS E 241 30.13 3.68 7.35
C LYS E 241 29.04 2.96 6.56
N ALA E 242 27.99 2.51 7.24
CA ALA E 242 26.87 1.88 6.53
C ALA E 242 26.20 2.88 5.59
N VAL E 243 25.98 4.11 6.05
CA VAL E 243 25.35 5.12 5.21
C VAL E 243 26.23 5.42 4.00
N ARG E 244 27.55 5.47 4.19
CA ARG E 244 28.45 5.69 3.08
C ARG E 244 28.41 4.54 2.08
N GLN E 245 28.38 3.30 2.58
CA GLN E 245 28.31 2.15 1.68
C GLN E 245 27.03 2.19 0.86
N HIS E 246 25.92 2.60 1.47
CA HIS E 246 24.68 2.73 0.71
C HIS E 246 24.77 3.88 -0.29
N CYS E 247 25.35 5.01 0.13
CA CYS E 247 25.47 6.15 -0.78
C CYS E 247 26.34 5.82 -1.98
N GLN E 248 27.27 4.89 -1.83
CA GLN E 248 28.08 4.44 -2.96
C GLN E 248 27.26 3.66 -3.99
N HIS E 249 26.04 3.26 -3.66
CA HIS E 249 25.21 2.48 -4.57
C HIS E 249 25.93 1.21 -5.01
N ASN E 434 27.82 13.96 -1.63
CA ASN E 434 26.64 14.80 -1.45
C ASN E 434 25.57 14.06 -0.63
N ARG E 435 25.41 12.77 -0.91
CA ARG E 435 24.42 11.99 -0.17
C ARG E 435 24.84 11.79 1.28
N GLU E 436 26.15 11.79 1.55
CA GLU E 436 26.64 11.67 2.92
C GLU E 436 26.42 12.94 3.72
N ARG E 437 26.00 14.03 3.09
CA ARG E 437 25.86 15.31 3.80
C ARG E 437 24.85 15.21 4.94
N LYS E 438 23.70 14.58 4.68
CA LYS E 438 22.63 14.55 5.69
C LYS E 438 23.04 13.74 6.91
N ALA E 439 23.51 12.50 6.69
CA ALA E 439 23.89 11.66 7.82
C ALA E 439 25.09 12.24 8.55
N ALA E 440 26.09 12.73 7.81
CA ALA E 440 27.24 13.36 8.45
C ALA E 440 26.79 14.53 9.31
N LYS E 441 25.92 15.39 8.78
CA LYS E 441 25.45 16.54 9.54
C LYS E 441 24.74 16.11 10.81
N GLN E 442 23.83 15.14 10.71
CA GLN E 442 23.05 14.75 11.88
C GLN E 442 23.92 14.12 12.95
N LEU E 443 24.77 13.16 12.55
CA LEU E 443 25.63 12.50 13.53
C LEU E 443 26.60 13.47 14.15
N GLY E 444 27.20 14.35 13.34
CA GLY E 444 28.11 15.34 13.87
C GLY E 444 27.44 16.28 14.84
N PHE E 445 26.23 16.74 14.50
CA PHE E 445 25.50 17.62 15.41
C PHE E 445 25.22 16.93 16.73
N ILE E 446 24.75 15.68 16.68
CA ILE E 446 24.43 14.97 17.92
C ILE E 446 25.67 14.83 18.80
N MET E 447 26.75 14.32 18.22
CA MET E 447 27.95 14.07 19.00
C MET E 447 28.58 15.37 19.48
N ALA E 448 28.59 16.40 18.64
CA ALA E 448 29.15 17.68 19.02
C ALA E 448 28.37 18.30 20.16
N ALA E 449 27.04 18.29 20.08
CA ALA E 449 26.25 18.80 21.20
C ALA E 449 26.60 18.05 22.49
N PHE E 450 26.53 16.71 22.44
CA PHE E 450 26.78 15.93 23.64
C PHE E 450 28.14 16.25 24.24
N ILE E 451 29.20 16.17 23.42
CA ILE E 451 30.55 16.33 23.94
C ILE E 451 30.78 17.77 24.38
N LEU E 452 30.54 18.74 23.49
CA LEU E 452 30.80 20.13 23.82
C LEU E 452 30.01 20.59 25.03
N CYS E 453 28.91 19.91 25.37
CA CYS E 453 28.18 20.26 26.56
C CYS E 453 28.68 19.55 27.81
N TRP E 454 29.08 18.28 27.71
CA TRP E 454 29.38 17.49 28.90
C TRP E 454 30.85 17.34 29.23
N ILE E 455 31.75 17.52 28.28
CA ILE E 455 33.17 17.27 28.52
C ILE E 455 33.78 18.35 29.40
N PRO E 456 33.44 19.65 29.27
CA PRO E 456 33.98 20.60 30.25
C PRO E 456 33.60 20.27 31.68
N TYR E 457 32.35 19.82 31.89
CA TYR E 457 31.92 19.53 33.25
C TYR E 457 32.72 18.39 33.86
N PHE E 458 32.94 17.31 33.10
CA PHE E 458 33.63 16.16 33.66
C PHE E 458 35.14 16.41 33.76
N ILE E 459 35.68 17.21 32.85
CA ILE E 459 37.06 17.66 33.00
C ILE E 459 37.21 18.43 34.31
N PHE E 460 36.29 19.35 34.58
CA PHE E 460 36.33 20.09 35.83
C PHE E 460 36.14 19.16 37.03
N PHE E 461 35.23 18.20 36.90
CA PHE E 461 35.04 17.14 37.88
C PHE E 461 36.39 16.56 38.31
N MET E 462 37.10 15.97 37.36
CA MET E 462 38.37 15.31 37.68
C MET E 462 39.42 16.33 38.12
N VAL E 463 39.41 17.52 37.55
CA VAL E 463 40.42 18.52 37.87
C VAL E 463 40.30 18.96 39.33
N ILE E 464 39.06 19.18 39.79
CA ILE E 464 38.89 19.55 41.19
C ILE E 464 39.11 18.35 42.10
N ALA E 465 38.82 17.14 41.61
CA ALA E 465 39.17 15.95 42.38
C ALA E 465 40.67 15.90 42.63
N PHE E 466 41.47 16.31 41.64
CA PHE E 466 42.92 16.28 41.78
C PHE E 466 43.43 17.46 42.61
N CYS E 467 43.07 18.67 42.22
CA CYS E 467 43.62 19.87 42.85
C CYS E 467 43.28 19.94 44.34
N LYS E 468 42.16 19.35 44.74
CA LYS E 468 41.68 19.46 46.12
C LYS E 468 41.31 20.89 46.46
N ASN E 469 40.30 21.44 45.77
CA ASN E 469 39.59 22.66 46.15
C ASN E 469 40.32 23.95 45.81
N CYS E 470 41.26 23.94 44.87
CA CYS E 470 41.93 25.17 44.45
C CYS E 470 41.27 25.82 43.23
N CYS E 471 40.14 25.29 42.77
CA CYS E 471 39.46 25.85 41.61
C CYS E 471 38.41 26.88 42.05
N ASN E 472 37.81 27.54 41.07
CA ASN E 472 36.81 28.57 41.31
C ASN E 472 35.40 27.98 41.29
N GLU E 473 34.45 28.74 41.84
CA GLU E 473 33.06 28.33 41.85
C GLU E 473 32.30 28.82 40.63
N HIS E 474 32.69 29.97 40.07
CA HIS E 474 32.04 30.44 38.85
C HIS E 474 32.26 29.47 37.70
N LEU E 475 33.47 28.92 37.61
CA LEU E 475 33.73 27.89 36.61
C LEU E 475 32.85 26.66 36.84
N HIS E 476 32.68 26.27 38.09
CA HIS E 476 31.81 25.14 38.41
C HIS E 476 30.40 25.40 37.94
N MET E 477 29.88 26.60 38.22
CA MET E 477 28.50 26.91 37.82
C MET E 477 28.38 27.01 36.31
N PHE E 478 29.40 27.53 35.64
CA PHE E 478 29.37 27.59 34.18
C PHE E 478 29.30 26.19 33.57
N THR E 479 30.11 25.26 34.09
CA THR E 479 30.06 23.88 33.60
C THR E 479 28.71 23.25 33.91
N ILE E 480 28.17 23.48 35.11
CA ILE E 480 26.88 22.92 35.46
C ILE E 480 25.80 23.44 34.52
N TRP E 481 25.86 24.72 34.17
CA TRP E 481 24.84 25.29 33.29
C TRP E 481 25.04 24.85 31.84
N LEU E 482 26.26 24.52 31.44
CA LEU E 482 26.44 23.84 30.16
C LEU E 482 25.75 22.47 30.18
N GLY E 483 25.91 21.73 31.29
CA GLY E 483 25.20 20.47 31.41
C GLY E 483 23.70 20.64 31.35
N TYR E 484 23.19 21.72 31.94
CA TYR E 484 21.76 22.00 31.87
C TYR E 484 21.32 22.39 30.45
N ILE E 485 22.15 23.17 29.76
CA ILE E 485 21.85 23.55 28.38
C ILE E 485 21.78 22.32 27.50
N ASN E 486 22.55 21.28 27.82
CA ASN E 486 22.43 20.03 27.07
C ASN E 486 21.00 19.50 27.13
N SER E 487 20.44 19.44 28.33
CA SER E 487 19.06 18.98 28.47
C SER E 487 18.08 19.94 27.81
N THR E 488 18.36 21.23 27.85
CA THR E 488 17.50 22.21 27.19
C THR E 488 17.47 21.97 25.69
N LEU E 489 18.61 21.65 25.08
CA LEU E 489 18.71 21.47 23.65
C LEU E 489 18.35 20.07 23.18
N ASN E 490 18.33 19.09 24.09
CA ASN E 490 18.00 17.73 23.68
C ASN E 490 16.67 17.62 22.94
N PRO E 491 15.59 18.27 23.36
CA PRO E 491 14.33 18.13 22.62
C PRO E 491 14.39 18.61 21.18
N LEU E 492 15.34 19.49 20.85
CA LEU E 492 15.44 20.04 19.50
C LEU E 492 16.28 19.18 18.56
N ILE E 493 16.78 18.04 19.01
CA ILE E 493 17.65 17.18 18.22
C ILE E 493 16.94 15.90 17.81
N TYR E 494 16.50 15.10 18.77
CA TYR E 494 16.06 13.74 18.50
C TYR E 494 14.63 13.69 17.95
N PRO E 495 13.65 14.36 18.58
CA PRO E 495 12.28 14.27 18.06
C PRO E 495 12.01 15.16 16.87
N LEU E 496 12.78 16.22 16.66
CA LEU E 496 12.60 17.08 15.51
C LEU E 496 13.16 16.47 14.22
N CYS E 497 13.86 15.34 14.31
CA CYS E 497 14.36 14.63 13.15
C CYS E 497 13.38 13.58 12.64
N ASN E 498 12.19 13.49 13.24
CA ASN E 498 11.16 12.54 12.84
C ASN E 498 9.99 13.32 12.24
N GLU E 499 9.57 12.89 11.05
CA GLU E 499 8.52 13.62 10.34
C GLU E 499 7.22 13.62 11.13
N ASN E 500 6.87 12.50 11.76
CA ASN E 500 5.61 12.44 12.52
C ASN E 500 5.64 13.41 13.68
N PHE E 501 6.77 13.51 14.38
CA PHE E 501 6.87 14.46 15.49
C PHE E 501 6.72 15.88 15.01
N LYS E 502 7.36 16.22 13.88
CA LYS E 502 7.23 17.57 13.35
C LYS E 502 5.78 17.88 12.95
N LYS E 503 5.11 16.91 12.31
CA LYS E 503 3.71 17.09 11.94
C LYS E 503 2.85 17.32 13.18
N THR E 504 3.05 16.51 14.22
CA THR E 504 2.26 16.66 15.43
C THR E 504 2.51 18.00 16.09
N PHE E 505 3.77 18.44 16.14
CA PHE E 505 4.06 19.76 16.69
C PHE E 505 3.39 20.86 15.89
N LYS E 506 3.42 20.76 14.56
CA LYS E 506 2.78 21.77 13.72
C LYS E 506 1.27 21.81 13.96
N ARG E 507 0.65 20.63 14.11
CA ARG E 507 -0.78 20.61 14.37
C ARG E 507 -1.11 21.31 15.69
N ILE E 508 -0.33 21.07 16.72
CA ILE E 508 -0.56 21.69 18.02
C ILE E 508 -0.16 23.17 17.96
N HSM F . 25.70 17.50 35.80
CA HSM F . 24.96 17.17 37.05
CB HSM F . 25.88 16.56 38.08
CG HSM F . 26.40 15.21 37.71
ND1 HSM F . 27.69 14.81 38.00
CD2 HSM F . 25.73 14.18 37.11
CE1 HSM F . 27.78 13.56 37.56
NE2 HSM F . 26.63 13.14 37.01
#